data_1VDH
#
_entry.id   1VDH
#
_cell.length_a   99.738
_cell.length_b   123.136
_cell.length_c   131.439
_cell.angle_alpha   90.00
_cell.angle_beta   90.00
_cell.angle_gamma   90.00
#
_symmetry.space_group_name_H-M   'P 21 21 21'
#
loop_
_entity.id
_entity.type
_entity.pdbx_description
1 polymer 'muconolactone isomerase-like protein'
2 water water
#
_entity_poly.entity_id   1
_entity_poly.type   'polypeptide(L)'
_entity_poly.pdbx_seq_one_letter_code
;MERHVPEPTHTLEGWHVLHDFRLLDFARWFSAPLEAREDAWEELKGLVREWRELEEAGQGSYGIYQVVGHKADLLFLNLR
PGLDPLLEAEARLSRSAFARYLGRSYSFYSVVELGSQEKPLDPESPYVKPRLTPRVPKSGYVCFYPMNKRRQGQDNWYML
PAKERASLMKAHGETGRKYQGEVMQVISGAQGLDDWEWGVDLFSEDPVQFKKIVYEMRFDEVSARYGEFGPFFVGKYLDE
EALRAFLGL
;
_entity_poly.pdbx_strand_id   A,B,C,D,E
#
# COMPACT_ATOMS: atom_id res chain seq x y z
N ARG A 3 -38.11 9.85 -1.32
CA ARG A 3 -37.01 10.68 -1.88
C ARG A 3 -36.14 11.27 -0.77
N HIS A 4 -34.82 11.18 -0.93
CA HIS A 4 -33.89 11.71 0.06
C HIS A 4 -33.65 13.21 -0.13
N VAL A 5 -33.79 13.95 0.95
CA VAL A 5 -33.58 15.40 0.93
C VAL A 5 -32.30 15.70 1.72
N PRO A 6 -31.26 16.20 1.05
CA PRO A 6 -30.00 16.51 1.72
C PRO A 6 -30.10 17.74 2.62
N GLU A 7 -29.44 17.65 3.77
CA GLU A 7 -29.41 18.72 4.74
C GLU A 7 -27.93 18.89 5.08
N PRO A 8 -27.16 19.44 4.12
CA PRO A 8 -25.72 19.64 4.32
C PRO A 8 -25.33 20.44 5.55
N THR A 9 -24.26 19.99 6.18
CA THR A 9 -23.73 20.63 7.38
C THR A 9 -23.24 22.04 7.02
N HIS A 10 -23.56 23.02 7.86
CA HIS A 10 -23.12 24.40 7.65
C HIS A 10 -21.68 24.53 8.13
N THR A 11 -20.88 25.30 7.41
CA THR A 11 -19.49 25.51 7.79
C THR A 11 -19.02 26.95 7.64
N LEU A 12 -17.97 27.28 8.38
CA LEU A 12 -17.32 28.57 8.34
C LEU A 12 -15.86 28.24 8.17
N GLU A 13 -15.22 28.80 7.15
CA GLU A 13 -13.81 28.55 6.89
C GLU A 13 -12.93 29.67 7.44
N GLY A 14 -11.78 29.27 7.99
CA GLY A 14 -10.84 30.23 8.53
C GLY A 14 -9.52 30.12 7.81
N TRP A 15 -8.43 30.13 8.57
CA TRP A 15 -7.09 30.03 8.00
C TRP A 15 -6.86 28.70 7.29
N HIS A 16 -6.03 28.73 6.26
CA HIS A 16 -5.65 27.54 5.51
C HIS A 16 -4.51 26.93 6.31
N VAL A 17 -4.42 25.61 6.28
CA VAL A 17 -3.41 24.90 7.07
C VAL A 17 -2.58 23.92 6.26
N LEU A 18 -1.27 23.90 6.53
CA LEU A 18 -0.38 22.96 5.87
C LEU A 18 0.45 22.20 6.89
N HIS A 19 0.34 20.88 6.87
CA HIS A 19 1.15 20.03 7.74
C HIS A 19 2.23 19.53 6.81
N ASP A 20 3.48 19.81 7.15
CA ASP A 20 4.60 19.40 6.32
C ASP A 20 5.51 18.52 7.16
N PHE A 21 5.37 17.21 6.99
CA PHE A 21 6.17 16.22 7.71
C PHE A 21 7.39 15.81 6.88
N ARG A 22 8.55 15.82 7.50
CA ARG A 22 9.78 15.44 6.81
C ARG A 22 10.64 14.54 7.68
N LEU A 23 11.48 13.74 7.02
CA LEU A 23 12.40 12.83 7.70
C LEU A 23 13.80 13.41 7.56
N LEU A 24 14.58 13.32 8.63
CA LEU A 24 15.94 13.84 8.62
C LEU A 24 16.95 12.76 8.22
N ASP A 25 17.83 13.09 7.29
CA ASP A 25 18.86 12.15 6.89
C ASP A 25 19.96 12.37 7.94
N PHE A 26 19.84 11.66 9.06
CA PHE A 26 20.79 11.76 10.17
C PHE A 26 22.25 11.57 9.75
N ALA A 27 22.52 10.49 9.03
CA ALA A 27 23.87 10.17 8.58
C ALA A 27 24.51 11.32 7.80
N ARG A 28 23.78 11.86 6.82
CA ARG A 28 24.29 12.95 6.01
C ARG A 28 24.44 14.26 6.77
N TRP A 29 23.45 14.59 7.60
CA TRP A 29 23.49 15.83 8.38
C TRP A 29 24.62 15.86 9.40
N PHE A 30 24.69 14.83 10.24
CA PHE A 30 25.72 14.77 11.28
C PHE A 30 27.14 14.48 10.77
N SER A 31 27.27 14.13 9.50
CA SER A 31 28.58 13.84 8.90
C SER A 31 29.02 15.00 8.01
N ALA A 32 28.13 15.96 7.80
CA ALA A 32 28.41 17.12 6.95
C ALA A 32 29.39 18.07 7.63
N PRO A 33 30.16 18.83 6.84
CA PRO A 33 31.13 19.79 7.39
C PRO A 33 30.43 20.76 8.34
N LEU A 34 31.11 21.11 9.43
CA LEU A 34 30.54 22.02 10.43
C LEU A 34 30.08 23.34 9.83
N GLU A 35 30.83 23.88 8.87
CA GLU A 35 30.47 25.13 8.24
C GLU A 35 29.17 24.99 7.44
N ALA A 36 29.03 23.86 6.75
CA ALA A 36 27.83 23.58 5.96
C ALA A 36 26.60 23.54 6.86
N ARG A 37 26.74 22.87 8.01
CA ARG A 37 25.65 22.76 8.96
C ARG A 37 25.27 24.13 9.52
N GLU A 38 26.29 24.91 9.90
CA GLU A 38 26.06 26.25 10.44
C GLU A 38 25.38 27.15 9.41
N ASP A 39 25.84 27.08 8.17
CA ASP A 39 25.26 27.88 7.09
C ASP A 39 23.78 27.51 6.87
N ALA A 40 23.49 26.21 6.89
CA ALA A 40 22.12 25.74 6.71
C ALA A 40 21.26 26.22 7.86
N TRP A 41 21.83 26.17 9.07
CA TRP A 41 21.16 26.60 10.28
C TRP A 41 20.80 28.08 10.22
N GLU A 42 21.77 28.92 9.84
CA GLU A 42 21.55 30.36 9.76
C GLU A 42 20.44 30.69 8.77
N GLU A 43 20.47 30.04 7.63
CA GLU A 43 19.44 30.26 6.61
C GLU A 43 18.07 29.80 7.10
N LEU A 44 18.03 28.68 7.84
CA LEU A 44 16.76 28.17 8.36
C LEU A 44 16.16 29.16 9.36
N LYS A 45 17.01 29.72 10.23
CA LYS A 45 16.54 30.70 11.20
C LYS A 45 15.92 31.91 10.50
N GLY A 46 16.53 32.32 9.39
CA GLY A 46 16.01 33.44 8.63
C GLY A 46 14.60 33.16 8.13
N LEU A 47 14.39 31.93 7.65
CA LEU A 47 13.07 31.54 7.15
C LEU A 47 12.04 31.51 8.28
N VAL A 48 12.39 30.86 9.39
CA VAL A 48 11.52 30.75 10.55
C VAL A 48 11.21 32.13 11.14
N ARG A 49 12.16 33.05 10.99
CA ARG A 49 11.99 34.42 11.48
C ARG A 49 10.86 35.09 10.69
N GLU A 50 10.80 34.80 9.39
CA GLU A 50 9.75 35.36 8.53
C GLU A 50 8.38 34.89 9.01
N TRP A 51 8.28 33.60 9.35
CA TRP A 51 7.03 33.04 9.84
C TRP A 51 6.67 33.68 11.17
N ARG A 52 7.69 33.91 12.00
CA ARG A 52 7.51 34.53 13.31
C ARG A 52 6.94 35.94 13.17
N GLU A 53 7.56 36.75 12.29
CA GLU A 53 7.12 38.12 12.05
C GLU A 53 5.68 38.16 11.52
N LEU A 54 5.37 37.21 10.65
CA LEU A 54 4.04 37.09 10.06
C LEU A 54 3.01 36.76 11.16
N GLU A 55 3.43 35.92 12.11
CA GLU A 55 2.57 35.52 13.21
C GLU A 55 2.35 36.74 14.13
N GLU A 56 3.41 37.49 14.38
CA GLU A 56 3.32 38.68 15.22
C GLU A 56 2.39 39.72 14.57
N ALA A 57 2.34 39.72 13.24
CA ALA A 57 1.50 40.65 12.50
C ALA A 57 0.05 40.15 12.37
N GLY A 58 -0.21 38.96 12.90
CA GLY A 58 -1.55 38.39 12.83
C GLY A 58 -1.91 37.84 11.46
N GLN A 59 -0.90 37.57 10.63
CA GLN A 59 -1.11 37.05 9.28
C GLN A 59 -0.91 35.55 9.17
N GLY A 60 -0.99 34.85 10.31
CA GLY A 60 -0.83 33.41 10.30
C GLY A 60 -0.21 32.91 11.59
N SER A 61 0.18 31.65 11.61
CA SER A 61 0.80 31.04 12.79
C SER A 61 1.61 29.82 12.35
N TYR A 62 2.53 29.37 13.21
CA TYR A 62 3.35 28.22 12.89
C TYR A 62 3.86 27.48 14.12
N GLY A 63 4.44 26.31 13.87
CA GLY A 63 5.01 25.49 14.92
C GLY A 63 5.90 24.45 14.29
N ILE A 64 7.02 24.15 14.95
CA ILE A 64 7.95 23.12 14.45
C ILE A 64 8.06 22.07 15.55
N TYR A 65 7.92 20.80 15.17
CA TYR A 65 7.94 19.72 16.15
C TYR A 65 8.88 18.56 15.85
N GLN A 66 9.32 17.91 16.92
CA GLN A 66 10.17 16.72 16.80
C GLN A 66 9.16 15.58 16.90
N VAL A 67 9.02 14.82 15.83
CA VAL A 67 8.04 13.74 15.77
C VAL A 67 8.65 12.37 16.08
N VAL A 68 7.99 11.63 16.97
CA VAL A 68 8.47 10.29 17.34
C VAL A 68 8.16 9.26 16.25
N GLY A 69 9.06 8.27 16.09
CA GLY A 69 8.82 7.20 15.14
C GLY A 69 9.36 7.35 13.73
N HIS A 70 9.11 6.34 12.91
CA HIS A 70 9.60 6.32 11.53
C HIS A 70 8.76 7.10 10.53
N LYS A 71 7.56 7.52 10.94
CA LYS A 71 6.67 8.23 10.03
C LYS A 71 7.11 9.63 9.66
N ALA A 72 7.88 10.27 10.53
CA ALA A 72 8.39 11.62 10.31
C ALA A 72 9.30 11.99 11.48
N ASP A 73 10.19 12.95 11.27
CA ASP A 73 11.11 13.41 12.31
C ASP A 73 10.80 14.86 12.68
N LEU A 74 10.42 15.66 11.69
CA LEU A 74 10.09 17.05 11.92
C LEU A 74 8.78 17.41 11.24
N LEU A 75 7.94 18.14 11.97
CA LEU A 75 6.67 18.62 11.44
C LEU A 75 6.77 20.14 11.36
N PHE A 76 6.52 20.68 10.17
CA PHE A 76 6.51 22.12 9.97
C PHE A 76 5.05 22.45 9.74
N LEU A 77 4.41 23.01 10.76
CA LEU A 77 3.00 23.37 10.70
C LEU A 77 2.85 24.86 10.45
N ASN A 78 2.06 25.20 9.44
CA ASN A 78 1.83 26.59 9.08
C ASN A 78 0.38 26.87 8.75
N LEU A 79 -0.11 28.02 9.21
CA LEU A 79 -1.48 28.45 8.96
C LEU A 79 -1.39 29.84 8.33
N ARG A 80 -2.17 30.09 7.28
CA ARG A 80 -2.16 31.37 6.57
C ARG A 80 -3.57 31.69 6.06
N PRO A 81 -3.82 32.96 5.67
CA PRO A 81 -5.13 33.39 5.16
C PRO A 81 -5.52 32.78 3.82
N GLY A 82 -4.60 32.04 3.18
CA GLY A 82 -4.90 31.43 1.90
C GLY A 82 -3.88 30.37 1.49
N LEU A 83 -4.07 29.78 0.32
CA LEU A 83 -3.15 28.74 -0.17
C LEU A 83 -1.81 29.29 -0.63
N ASP A 84 -1.83 30.44 -1.30
CA ASP A 84 -0.61 31.05 -1.82
C ASP A 84 0.51 31.22 -0.79
N PRO A 85 0.21 31.79 0.38
CA PRO A 85 1.28 31.94 1.40
C PRO A 85 1.80 30.58 1.87
N LEU A 86 0.96 29.54 1.80
CA LEU A 86 1.39 28.20 2.21
C LEU A 86 2.31 27.60 1.16
N LEU A 87 1.95 27.74 -0.11
CA LEU A 87 2.76 27.26 -1.21
C LEU A 87 4.14 27.93 -1.13
N GLU A 88 4.13 29.20 -0.74
CA GLU A 88 5.35 29.97 -0.60
C GLU A 88 6.24 29.44 0.53
N ALA A 89 5.64 29.24 1.70
CA ALA A 89 6.37 28.74 2.87
C ALA A 89 6.93 27.34 2.58
N GLU A 90 6.14 26.55 1.90
CA GLU A 90 6.48 25.19 1.52
C GLU A 90 7.64 25.15 0.52
N ALA A 91 7.58 26.02 -0.49
CA ALA A 91 8.62 26.09 -1.50
C ALA A 91 9.91 26.63 -0.89
N ARG A 92 9.80 27.64 -0.04
CA ARG A 92 10.96 28.25 0.62
C ARG A 92 11.71 27.22 1.46
N LEU A 93 10.97 26.39 2.19
CA LEU A 93 11.60 25.37 3.02
C LEU A 93 12.30 24.34 2.13
N SER A 94 11.61 23.91 1.09
CA SER A 94 12.16 22.91 0.17
C SER A 94 13.42 23.35 -0.56
N ARG A 95 13.56 24.66 -0.82
CA ARG A 95 14.76 25.12 -1.51
C ARG A 95 15.91 25.49 -0.57
N SER A 96 15.66 25.44 0.73
CA SER A 96 16.69 25.76 1.72
C SER A 96 17.78 24.70 1.72
N ALA A 97 18.99 25.07 2.14
CA ALA A 97 20.11 24.14 2.22
C ALA A 97 19.79 23.03 3.22
N PHE A 98 19.06 23.38 4.28
CA PHE A 98 18.69 22.40 5.30
C PHE A 98 17.84 21.27 4.70
N ALA A 99 16.95 21.62 3.77
CA ALA A 99 16.09 20.64 3.12
C ALA A 99 16.84 19.61 2.29
N ARG A 100 18.12 19.88 2.00
CA ARG A 100 18.93 18.92 1.24
C ARG A 100 19.13 17.67 2.10
N TYR A 101 18.93 17.84 3.41
CA TYR A 101 19.09 16.74 4.36
C TYR A 101 17.72 16.22 4.83
N LEU A 102 16.67 16.62 4.14
CA LEU A 102 15.31 16.19 4.48
C LEU A 102 14.60 15.49 3.35
N GLY A 103 13.70 14.60 3.73
CA GLY A 103 12.89 13.88 2.76
C GLY A 103 11.45 14.07 3.20
N ARG A 104 10.56 14.41 2.27
CA ARG A 104 9.15 14.60 2.62
C ARG A 104 8.52 13.23 2.85
N SER A 105 7.91 13.04 4.01
CA SER A 105 7.30 11.75 4.32
C SER A 105 5.78 11.76 4.30
N TYR A 106 5.19 12.90 4.63
CA TYR A 106 3.73 13.04 4.65
C TYR A 106 3.39 14.53 4.68
N SER A 107 2.13 14.84 4.35
CA SER A 107 1.67 16.23 4.35
C SER A 107 0.15 16.24 4.33
N PHE A 108 -0.42 17.41 4.62
CA PHE A 108 -1.87 17.55 4.63
C PHE A 108 -2.23 19.01 4.41
N TYR A 109 -3.11 19.25 3.45
CA TYR A 109 -3.57 20.60 3.16
C TYR A 109 -5.04 20.66 3.55
N SER A 110 -5.37 21.61 4.42
CA SER A 110 -6.75 21.75 4.89
C SER A 110 -7.07 23.19 5.25
N VAL A 111 -8.33 23.44 5.60
CA VAL A 111 -8.79 24.78 5.97
C VAL A 111 -9.55 24.71 7.30
N VAL A 112 -9.15 25.54 8.26
CA VAL A 112 -9.81 25.57 9.57
C VAL A 112 -11.31 25.66 9.35
N GLU A 113 -12.03 24.71 9.94
CA GLU A 113 -13.48 24.62 9.74
C GLU A 113 -14.28 24.56 11.04
N LEU A 114 -15.33 25.36 11.10
CA LEU A 114 -16.23 25.39 12.25
C LEU A 114 -17.57 24.92 11.68
N GLY A 115 -18.07 23.80 12.19
CA GLY A 115 -19.33 23.28 11.68
C GLY A 115 -20.50 23.24 12.63
N SER A 116 -21.69 23.20 12.04
CA SER A 116 -22.95 23.15 12.78
C SER A 116 -23.91 22.32 11.94
N GLN A 117 -24.50 21.30 12.55
CA GLN A 117 -25.42 20.40 11.84
C GLN A 117 -26.78 20.98 11.52
N GLU A 118 -27.32 21.83 12.39
CA GLU A 118 -28.63 22.43 12.18
C GLU A 118 -28.61 23.96 12.09
N LYS A 119 -28.59 24.65 13.23
CA LYS A 119 -28.60 26.11 13.25
C LYS A 119 -27.23 26.70 12.92
N PRO A 120 -27.14 27.54 11.88
CA PRO A 120 -25.89 28.17 11.45
C PRO A 120 -25.18 28.92 12.57
N LEU A 121 -23.85 28.86 12.58
CA LEU A 121 -23.06 29.54 13.61
C LEU A 121 -22.99 31.04 13.36
N ASP A 122 -22.89 31.80 14.44
CA ASP A 122 -22.78 33.26 14.36
C ASP A 122 -21.31 33.55 14.14
N PRO A 123 -20.93 34.00 12.92
CA PRO A 123 -19.54 34.31 12.60
C PRO A 123 -18.96 35.47 13.41
N GLU A 124 -19.83 36.18 14.12
CA GLU A 124 -19.42 37.31 14.93
C GLU A 124 -19.32 36.98 16.42
N SER A 125 -19.75 35.78 16.80
CA SER A 125 -19.68 35.36 18.19
C SER A 125 -18.22 35.33 18.67
N PRO A 126 -17.96 35.84 19.88
CA PRO A 126 -16.60 35.86 20.44
C PRO A 126 -16.06 34.46 20.73
N TYR A 127 -16.93 33.45 20.62
CA TYR A 127 -16.52 32.08 20.87
C TYR A 127 -16.49 31.28 19.57
N VAL A 128 -16.68 31.98 18.46
CA VAL A 128 -16.67 31.38 17.12
C VAL A 128 -15.56 32.00 16.29
N LYS A 129 -15.63 33.32 16.14
CA LYS A 129 -14.66 34.07 15.35
C LYS A 129 -13.19 33.78 15.68
N PRO A 130 -12.80 33.79 16.98
CA PRO A 130 -11.40 33.52 17.32
C PRO A 130 -10.91 32.15 16.87
N ARG A 131 -11.82 31.17 16.77
CA ARG A 131 -11.45 29.82 16.36
C ARG A 131 -11.15 29.70 14.86
N LEU A 132 -11.48 30.73 14.10
CA LEU A 132 -11.22 30.74 12.66
C LEU A 132 -9.75 30.98 12.39
N THR A 133 -9.08 31.65 13.32
CA THR A 133 -7.67 31.97 13.19
C THR A 133 -6.89 31.51 14.43
N PRO A 134 -6.86 30.20 14.68
CA PRO A 134 -6.16 29.64 15.85
C PRO A 134 -4.64 29.75 15.79
N ARG A 135 -4.05 30.26 16.86
CA ARG A 135 -2.60 30.37 16.95
C ARG A 135 -2.06 29.08 17.54
N VAL A 136 -0.95 28.60 17.00
CA VAL A 136 -0.31 27.38 17.47
C VAL A 136 0.39 27.66 18.80
N PRO A 137 0.06 26.89 19.86
CA PRO A 137 0.69 27.08 21.17
C PRO A 137 2.21 26.87 21.12
N LYS A 138 2.93 27.58 21.98
CA LYS A 138 4.39 27.52 21.98
C LYS A 138 5.06 26.65 23.03
N SER A 139 4.43 25.54 23.38
CA SER A 139 4.98 24.60 24.35
C SER A 139 4.18 23.31 24.25
N GLY A 140 4.63 22.29 24.96
CA GLY A 140 3.91 21.04 24.95
C GLY A 140 4.09 20.15 23.74
N TYR A 141 3.00 19.44 23.41
CA TYR A 141 3.00 18.48 22.31
C TYR A 141 1.83 18.66 21.36
N VAL A 142 1.95 18.01 20.21
CA VAL A 142 0.91 18.04 19.19
C VAL A 142 0.57 16.62 18.77
N CYS A 143 -0.71 16.40 18.48
CA CYS A 143 -1.20 15.13 17.98
C CYS A 143 -1.99 15.48 16.72
N PHE A 144 -1.55 14.95 15.58
CA PHE A 144 -2.25 15.18 14.33
C PHE A 144 -2.73 13.89 13.71
N TYR A 145 -3.94 13.90 13.19
CA TYR A 145 -4.50 12.76 12.49
C TYR A 145 -5.63 13.19 11.59
N PRO A 146 -5.72 12.61 10.40
CA PRO A 146 -6.79 12.94 9.46
C PRO A 146 -7.91 11.93 9.66
N MET A 147 -9.11 12.23 9.17
CA MET A 147 -10.23 11.32 9.32
C MET A 147 -11.35 11.62 8.35
N ASN A 148 -12.21 10.63 8.15
CA ASN A 148 -13.40 10.74 7.31
C ASN A 148 -14.59 10.33 8.16
N LYS A 149 -15.79 10.62 7.68
CA LYS A 149 -17.01 10.21 8.33
C LYS A 149 -17.46 9.05 7.46
N ARG A 150 -17.63 7.90 8.09
CA ARG A 150 -18.00 6.66 7.40
C ARG A 150 -19.27 6.70 6.55
N ARG A 151 -19.19 6.00 5.41
CA ARG A 151 -20.28 5.86 4.46
C ARG A 151 -20.29 4.38 4.06
N GLN A 152 -20.52 3.50 5.04
CA GLN A 152 -20.53 2.07 4.77
C GLN A 152 -21.78 1.40 5.32
N GLY A 153 -22.53 0.74 4.44
CA GLY A 153 -23.75 0.05 4.84
C GLY A 153 -24.69 0.86 5.69
N GLN A 154 -25.00 0.34 6.88
CA GLN A 154 -25.90 0.98 7.84
C GLN A 154 -25.24 2.16 8.57
N ASP A 155 -23.93 2.25 8.48
CA ASP A 155 -23.19 3.34 9.11
C ASP A 155 -22.83 4.36 8.03
N ASN A 156 -23.83 5.13 7.59
CA ASN A 156 -23.60 6.14 6.57
C ASN A 156 -23.95 7.51 7.13
N TRP A 157 -22.92 8.21 7.58
CA TRP A 157 -23.06 9.54 8.17
C TRP A 157 -23.76 10.55 7.27
N TYR A 158 -23.34 10.58 6.01
CA TYR A 158 -23.89 11.53 5.05
C TYR A 158 -25.35 11.33 4.66
N MET A 159 -25.91 10.16 4.95
CA MET A 159 -27.31 9.87 4.65
C MET A 159 -28.23 10.19 5.83
N LEU A 160 -27.64 10.41 7.00
CA LEU A 160 -28.41 10.70 8.20
C LEU A 160 -29.10 12.06 8.16
N PRO A 161 -30.23 12.20 8.88
CA PRO A 161 -30.94 13.47 8.92
C PRO A 161 -30.07 14.43 9.74
N ALA A 162 -30.16 15.73 9.47
CA ALA A 162 -29.36 16.71 10.19
C ALA A 162 -29.61 16.64 11.69
N LYS A 163 -30.85 16.32 12.07
CA LYS A 163 -31.23 16.22 13.47
C LYS A 163 -30.45 15.13 14.21
N GLU A 164 -30.25 13.99 13.56
CA GLU A 164 -29.51 12.88 14.17
C GLU A 164 -28.02 13.22 14.25
N ARG A 165 -27.50 13.85 13.20
CA ARG A 165 -26.09 14.23 13.19
C ARG A 165 -25.82 15.24 14.32
N ALA A 166 -26.79 16.12 14.57
CA ALA A 166 -26.67 17.11 15.62
C ALA A 166 -26.61 16.46 17.00
N SER A 167 -27.47 15.46 17.25
CA SER A 167 -27.47 14.79 18.54
C SER A 167 -26.19 13.99 18.75
N LEU A 168 -25.65 13.44 17.66
CA LEU A 168 -24.42 12.65 17.71
C LEU A 168 -23.23 13.55 18.03
N MET A 169 -23.20 14.75 17.45
CA MET A 169 -22.12 15.71 17.67
C MET A 169 -22.20 16.33 19.07
N LYS A 170 -23.42 16.48 19.58
CA LYS A 170 -23.60 17.07 20.90
C LYS A 170 -22.95 16.18 21.97
N ALA A 171 -23.19 14.87 21.86
CA ALA A 171 -22.62 13.90 22.80
C ALA A 171 -21.09 13.90 22.71
N HIS A 172 -20.58 14.08 21.49
CA HIS A 172 -19.15 14.13 21.24
C HIS A 172 -18.56 15.34 21.95
N GLY A 173 -19.20 16.50 21.75
CA GLY A 173 -18.75 17.72 22.38
C GLY A 173 -18.77 17.62 23.91
N GLU A 174 -19.78 16.92 24.43
CA GLU A 174 -19.92 16.72 25.87
C GLU A 174 -18.77 15.89 26.41
N THR A 175 -18.49 14.77 25.75
CA THR A 175 -17.41 13.88 26.16
C THR A 175 -16.06 14.62 26.22
N GLY A 176 -15.83 15.48 25.24
CA GLY A 176 -14.60 16.24 25.18
C GLY A 176 -14.50 17.46 26.08
N ARG A 177 -15.62 17.83 26.72
CA ARG A 177 -15.63 19.00 27.59
C ARG A 177 -14.75 18.81 28.83
N LYS A 178 -14.69 17.59 29.35
CA LYS A 178 -13.87 17.31 30.53
C LYS A 178 -12.38 17.43 30.20
N TYR A 179 -12.04 17.43 28.91
CA TYR A 179 -10.65 17.54 28.47
C TYR A 179 -10.24 18.96 28.08
N GLN A 180 -11.20 19.90 28.07
CA GLN A 180 -10.94 21.29 27.70
C GLN A 180 -9.76 21.92 28.43
N GLY A 181 -9.66 21.66 29.73
CA GLY A 181 -8.59 22.22 30.52
C GLY A 181 -7.19 21.77 30.17
N GLU A 182 -7.07 20.60 29.54
CA GLU A 182 -5.77 20.05 29.18
C GLU A 182 -5.52 19.87 27.68
N VAL A 183 -6.58 19.87 26.89
CA VAL A 183 -6.44 19.66 25.45
C VAL A 183 -7.13 20.72 24.60
N MET A 184 -6.36 21.31 23.68
CA MET A 184 -6.87 22.30 22.73
C MET A 184 -7.10 21.53 21.44
N GLN A 185 -8.14 21.90 20.70
CA GLN A 185 -8.45 21.21 19.45
C GLN A 185 -8.68 22.13 18.27
N VAL A 186 -8.06 21.80 17.14
CA VAL A 186 -8.24 22.57 15.92
C VAL A 186 -8.67 21.58 14.84
N ILE A 187 -9.88 21.79 14.34
CA ILE A 187 -10.45 20.95 13.28
C ILE A 187 -10.36 21.72 11.97
N SER A 188 -9.86 21.05 10.93
CA SER A 188 -9.74 21.65 9.61
C SER A 188 -10.34 20.70 8.58
N GLY A 189 -10.96 21.26 7.55
CA GLY A 189 -11.57 20.45 6.53
C GLY A 189 -10.74 20.36 5.27
N ALA A 190 -10.62 19.15 4.72
CA ALA A 190 -9.84 18.94 3.50
C ALA A 190 -10.69 18.21 2.45
N GLN A 191 -12.00 18.30 2.58
CA GLN A 191 -12.93 17.63 1.68
C GLN A 191 -12.50 17.51 0.21
N GLY A 192 -12.41 18.62 -0.51
CA GLY A 192 -11.97 18.55 -1.88
C GLY A 192 -10.56 19.12 -2.01
N LEU A 193 -9.77 18.98 -0.94
CA LEU A 193 -8.42 19.52 -0.89
C LEU A 193 -7.31 18.50 -0.67
N ASP A 194 -7.63 17.40 0.01
CA ASP A 194 -6.65 16.36 0.26
C ASP A 194 -7.32 14.99 0.38
N ASP A 195 -6.55 13.97 0.75
CA ASP A 195 -7.03 12.59 0.81
C ASP A 195 -8.06 12.21 1.87
N TRP A 196 -8.21 13.03 2.90
CA TRP A 196 -9.18 12.77 3.97
C TRP A 196 -10.08 13.98 4.11
N GLU A 197 -11.26 13.78 4.70
CA GLU A 197 -12.24 14.87 4.87
C GLU A 197 -11.88 15.91 5.91
N TRP A 198 -11.20 15.50 6.97
CA TRP A 198 -10.79 16.43 8.02
C TRP A 198 -9.39 16.16 8.53
N GLY A 199 -8.79 17.21 9.08
CA GLY A 199 -7.49 17.11 9.69
C GLY A 199 -7.77 17.51 11.14
N VAL A 200 -7.16 16.82 12.10
CA VAL A 200 -7.37 17.13 13.50
C VAL A 200 -6.04 17.37 14.22
N ASP A 201 -5.93 18.52 14.88
CA ASP A 201 -4.76 18.87 15.66
C ASP A 201 -5.14 19.01 17.13
N LEU A 202 -4.50 18.22 17.98
CA LEU A 202 -4.74 18.29 19.42
C LEU A 202 -3.45 18.83 20.03
N PHE A 203 -3.58 19.72 21.00
CA PHE A 203 -2.42 20.31 21.67
C PHE A 203 -2.57 20.10 23.18
N SER A 204 -1.48 19.69 23.82
CA SER A 204 -1.50 19.43 25.27
C SER A 204 -0.09 19.41 25.83
N GLU A 205 0.03 19.58 27.14
CA GLU A 205 1.34 19.55 27.78
C GLU A 205 1.75 18.13 28.13
N ASP A 206 0.83 17.19 27.92
CA ASP A 206 1.08 15.78 28.22
C ASP A 206 0.48 14.93 27.10
N PRO A 207 1.33 14.19 26.36
CA PRO A 207 0.85 13.33 25.27
C PRO A 207 -0.16 12.28 25.72
N VAL A 208 -0.13 11.93 27.01
CA VAL A 208 -1.07 10.95 27.54
C VAL A 208 -2.50 11.48 27.44
N GLN A 209 -2.65 12.80 27.48
CA GLN A 209 -3.98 13.39 27.36
C GLN A 209 -4.58 13.07 25.99
N PHE A 210 -3.72 12.98 24.97
CA PHE A 210 -4.17 12.62 23.63
C PHE A 210 -4.75 11.20 23.67
N LYS A 211 -4.02 10.31 24.36
CA LYS A 211 -4.43 8.91 24.49
C LYS A 211 -5.78 8.76 25.21
N LYS A 212 -5.95 9.50 26.30
CA LYS A 212 -7.19 9.42 27.07
C LYS A 212 -8.39 9.95 26.29
N ILE A 213 -8.25 11.12 25.66
CA ILE A 213 -9.36 11.70 24.92
C ILE A 213 -9.75 10.93 23.66
N VAL A 214 -8.76 10.49 22.88
CA VAL A 214 -9.04 9.74 21.66
C VAL A 214 -9.70 8.40 21.99
N TYR A 215 -9.20 7.72 23.02
CA TYR A 215 -9.77 6.43 23.42
C TYR A 215 -11.18 6.60 23.99
N GLU A 216 -11.37 7.54 24.91
CA GLU A 216 -12.70 7.76 25.47
C GLU A 216 -13.71 8.15 24.39
N MET A 217 -13.30 9.03 23.48
CA MET A 217 -14.20 9.46 22.40
C MET A 217 -14.64 8.35 21.45
N ARG A 218 -13.82 7.31 21.32
CA ARG A 218 -14.16 6.20 20.43
C ARG A 218 -15.41 5.45 20.90
N PHE A 219 -15.79 5.64 22.17
CA PHE A 219 -16.99 5.01 22.71
C PHE A 219 -18.27 5.82 22.43
N ASP A 220 -18.12 7.06 21.96
CA ASP A 220 -19.27 7.88 21.61
C ASP A 220 -19.78 7.29 20.30
N GLU A 221 -21.10 7.21 20.12
CA GLU A 221 -21.65 6.63 18.91
C GLU A 221 -21.11 7.25 17.62
N VAL A 222 -20.95 8.57 17.62
CA VAL A 222 -20.44 9.27 16.44
C VAL A 222 -19.09 8.72 15.98
N SER A 223 -18.21 8.41 16.93
CA SER A 223 -16.90 7.87 16.59
C SER A 223 -16.96 6.36 16.37
N ALA A 224 -17.61 5.65 17.29
CA ALA A 224 -17.73 4.20 17.21
C ALA A 224 -18.31 3.69 15.89
N ARG A 225 -19.35 4.37 15.41
CA ARG A 225 -20.01 3.97 14.16
C ARG A 225 -19.58 4.72 12.90
N TYR A 226 -19.23 6.01 13.05
CA TYR A 226 -18.90 6.82 11.87
C TYR A 226 -17.46 7.33 11.74
N GLY A 227 -16.62 7.00 12.71
CA GLY A 227 -15.23 7.44 12.64
C GLY A 227 -14.35 6.55 11.79
N GLU A 228 -13.64 7.17 10.84
CA GLU A 228 -12.70 6.47 9.98
C GLU A 228 -11.41 7.25 10.17
N PHE A 229 -10.44 6.63 10.85
CA PHE A 229 -9.18 7.30 11.18
C PHE A 229 -7.94 6.95 10.37
N GLY A 230 -7.11 7.97 10.13
CA GLY A 230 -5.87 7.77 9.39
C GLY A 230 -4.68 7.65 10.34
N PRO A 231 -3.46 7.97 9.88
CA PRO A 231 -2.26 7.88 10.72
C PRO A 231 -2.24 8.92 11.84
N PHE A 232 -1.60 8.57 12.96
CA PHE A 232 -1.48 9.49 14.10
C PHE A 232 -0.03 9.86 14.30
N PHE A 233 0.24 11.17 14.36
CA PHE A 233 1.59 11.68 14.55
C PHE A 233 1.67 12.46 15.87
N VAL A 234 2.68 12.18 16.67
CA VAL A 234 2.86 12.91 17.92
C VAL A 234 4.20 13.62 17.88
N GLY A 235 4.18 14.92 18.20
CA GLY A 235 5.41 15.69 18.18
C GLY A 235 5.55 16.62 19.37
N LYS A 236 6.79 16.90 19.73
CA LYS A 236 7.10 17.80 20.83
C LYS A 236 7.48 19.15 20.24
N TYR A 237 6.80 20.21 20.68
CA TYR A 237 7.08 21.57 20.19
C TYR A 237 8.53 21.91 20.47
N LEU A 238 9.20 22.49 19.47
CA LEU A 238 10.61 22.88 19.59
C LEU A 238 10.79 24.38 19.42
N ASP A 239 11.35 25.04 20.42
CA ASP A 239 11.63 26.47 20.26
C ASP A 239 12.96 26.54 19.51
N GLU A 240 13.49 27.74 19.29
CA GLU A 240 14.76 27.86 18.57
C GLU A 240 15.91 27.05 19.16
N GLU A 241 16.11 27.15 20.47
CA GLU A 241 17.19 26.42 21.14
C GLU A 241 16.99 24.91 21.07
N ALA A 242 15.75 24.45 21.22
CA ALA A 242 15.44 23.03 21.17
C ALA A 242 15.75 22.47 19.77
N LEU A 243 15.37 23.19 18.73
CA LEU A 243 15.65 22.75 17.35
C LEU A 243 17.15 22.71 17.13
N ARG A 244 17.85 23.73 17.63
CA ARG A 244 19.29 23.80 17.51
C ARG A 244 19.95 22.59 18.16
N ALA A 245 19.51 22.27 19.38
CA ALA A 245 20.04 21.12 20.13
C ALA A 245 19.79 19.80 19.41
N PHE A 246 18.58 19.67 18.86
CA PHE A 246 18.18 18.46 18.13
C PHE A 246 19.11 18.24 16.92
N LEU A 247 19.51 19.33 16.27
CA LEU A 247 20.39 19.26 15.11
C LEU A 247 21.87 19.17 15.50
N GLY A 248 22.13 19.08 16.80
CA GLY A 248 23.48 18.96 17.29
C GLY A 248 24.32 20.23 17.17
N LEU A 249 23.66 21.38 17.18
CA LEU A 249 24.35 22.65 17.08
C LEU A 249 24.23 23.47 18.37
N ARG B 3 -31.22 7.07 24.08
CA ARG B 3 -30.04 7.06 23.16
C ARG B 3 -28.91 6.20 23.72
N HIS B 4 -27.84 6.06 22.93
CA HIS B 4 -26.69 5.27 23.34
C HIS B 4 -25.89 5.93 24.45
N VAL B 5 -25.71 5.20 25.54
CA VAL B 5 -24.96 5.70 26.69
C VAL B 5 -23.57 5.07 26.65
N PRO B 6 -22.52 5.89 26.45
CA PRO B 6 -21.16 5.34 26.41
C PRO B 6 -20.69 4.92 27.80
N GLU B 7 -19.96 3.81 27.82
CA GLU B 7 -19.40 3.25 29.04
C GLU B 7 -17.94 3.01 28.70
N PRO B 8 -17.16 4.10 28.57
CA PRO B 8 -15.74 4.05 28.23
C PRO B 8 -14.94 3.12 29.13
N THR B 9 -14.04 2.37 28.52
CA THR B 9 -13.17 1.45 29.24
C THR B 9 -12.23 2.29 30.11
N HIS B 10 -12.00 1.85 31.34
CA HIS B 10 -11.11 2.56 32.26
C HIS B 10 -9.70 2.04 32.03
N THR B 11 -8.71 2.92 32.16
CA THR B 11 -7.32 2.52 31.97
C THR B 11 -6.37 3.23 32.91
N LEU B 12 -5.19 2.63 33.06
CA LEU B 12 -4.10 3.20 33.85
C LEU B 12 -2.92 3.14 32.89
N GLU B 13 -2.14 4.21 32.82
CA GLU B 13 -0.98 4.26 31.95
C GLU B 13 0.30 4.11 32.75
N GLY B 14 1.25 3.36 32.21
CA GLY B 14 2.53 3.17 32.88
C GLY B 14 3.64 3.76 32.03
N TRP B 15 4.74 3.03 31.88
CA TRP B 15 5.88 3.46 31.09
C TRP B 15 5.49 3.62 29.62
N HIS B 16 6.11 4.59 28.96
CA HIS B 16 5.89 4.82 27.53
C HIS B 16 6.79 3.81 26.81
N VAL B 17 6.37 3.41 25.61
CA VAL B 17 7.11 2.40 24.86
C VAL B 17 7.43 2.79 23.42
N LEU B 18 8.64 2.46 22.99
CA LEU B 18 9.04 2.73 21.62
C LEU B 18 9.65 1.49 20.99
N HIS B 19 9.02 1.00 19.93
CA HIS B 19 9.54 -0.14 19.18
C HIS B 19 10.22 0.54 17.99
N ASP B 20 11.52 0.32 17.87
CA ASP B 20 12.31 0.92 16.79
C ASP B 20 12.89 -0.20 15.92
N PHE B 21 12.22 -0.50 14.82
CA PHE B 21 12.66 -1.55 13.89
C PHE B 21 13.53 -0.98 12.78
N ARG B 22 14.67 -1.62 12.53
CA ARG B 22 15.56 -1.15 11.48
C ARG B 22 16.17 -2.31 10.70
N LEU B 23 16.50 -2.04 9.45
CA LEU B 23 17.10 -3.01 8.56
C LEU B 23 18.59 -2.68 8.46
N LEU B 24 19.42 -3.71 8.46
CA LEU B 24 20.87 -3.50 8.36
C LEU B 24 21.33 -3.53 6.90
N ASP B 25 22.16 -2.57 6.52
CA ASP B 25 22.71 -2.56 5.17
C ASP B 25 23.94 -3.48 5.27
N PHE B 26 23.70 -4.77 5.10
CA PHE B 26 24.75 -5.79 5.19
C PHE B 26 25.95 -5.50 4.31
N ALA B 27 25.69 -5.21 3.03
CA ALA B 27 26.76 -4.92 2.08
C ALA B 27 27.68 -3.79 2.55
N ARG B 28 27.09 -2.67 2.97
CA ARG B 28 27.87 -1.52 3.43
C ARG B 28 28.59 -1.78 4.75
N TRP B 29 27.90 -2.42 5.69
CA TRP B 29 28.49 -2.71 6.99
C TRP B 29 29.67 -3.68 6.92
N PHE B 30 29.45 -4.85 6.33
CA PHE B 30 30.51 -5.85 6.23
C PHE B 30 31.65 -5.51 5.27
N SER B 31 31.48 -4.46 4.47
CA SER B 31 32.51 -4.03 3.54
C SER B 31 33.26 -2.80 4.04
N ALA B 32 32.75 -2.20 5.12
CA ALA B 32 33.35 -1.01 5.70
C ALA B 32 34.70 -1.32 6.35
N PRO B 33 35.61 -0.33 6.41
CA PRO B 33 36.93 -0.54 7.03
C PRO B 33 36.73 -1.03 8.47
N LEU B 34 37.50 -2.04 8.85
CA LEU B 34 37.37 -2.63 10.19
C LEU B 34 37.43 -1.62 11.33
N GLU B 35 38.32 -0.63 11.23
CA GLU B 35 38.45 0.38 12.26
C GLU B 35 37.16 1.20 12.39
N ALA B 36 36.54 1.50 11.26
CA ALA B 36 35.29 2.26 11.26
C ALA B 36 34.21 1.43 11.97
N ARG B 37 34.20 0.13 11.72
CA ARG B 37 33.23 -0.75 12.35
C ARG B 37 33.47 -0.86 13.86
N GLU B 38 34.74 -0.90 14.26
CA GLU B 38 35.08 -0.97 15.67
C GLU B 38 34.64 0.32 16.37
N ASP B 39 34.89 1.45 15.74
CA ASP B 39 34.50 2.74 16.29
C ASP B 39 32.98 2.78 16.52
N ALA B 40 32.24 2.35 15.52
CA ALA B 40 30.79 2.32 15.58
C ALA B 40 30.34 1.36 16.69
N TRP B 41 31.06 0.24 16.81
CA TRP B 41 30.77 -0.77 17.83
C TRP B 41 30.93 -0.21 19.24
N GLU B 42 32.02 0.50 19.49
CA GLU B 42 32.26 1.09 20.82
C GLU B 42 31.17 2.08 21.20
N GLU B 43 30.78 2.93 20.24
CA GLU B 43 29.73 3.92 20.49
C GLU B 43 28.38 3.22 20.72
N LEU B 44 28.12 2.16 19.97
CA LEU B 44 26.86 1.42 20.11
C LEU B 44 26.78 0.77 21.50
N LYS B 45 27.85 0.12 21.94
CA LYS B 45 27.88 -0.51 23.26
C LYS B 45 27.67 0.55 24.34
N GLY B 46 28.30 1.71 24.14
CA GLY B 46 28.17 2.80 25.10
C GLY B 46 26.74 3.26 25.25
N LEU B 47 26.02 3.35 24.13
CA LEU B 47 24.62 3.77 24.13
C LEU B 47 23.77 2.76 24.90
N VAL B 48 23.98 1.47 24.62
CA VAL B 48 23.23 0.40 25.27
C VAL B 48 23.55 0.33 26.77
N ARG B 49 24.80 0.60 27.14
CA ARG B 49 25.17 0.59 28.55
C ARG B 49 24.40 1.69 29.28
N GLU B 50 24.11 2.78 28.58
CA GLU B 50 23.35 3.89 29.14
C GLU B 50 21.90 3.44 29.38
N TRP B 51 21.34 2.69 28.43
CA TRP B 51 19.98 2.18 28.58
C TRP B 51 19.94 1.22 29.77
N ARG B 52 20.99 0.42 29.90
CA ARG B 52 21.11 -0.53 31.00
C ARG B 52 21.19 0.23 32.33
N GLU B 53 21.92 1.34 32.31
CA GLU B 53 22.09 2.21 33.48
C GLU B 53 20.75 2.77 33.94
N LEU B 54 19.96 3.25 32.99
CA LEU B 54 18.63 3.81 33.29
C LEU B 54 17.75 2.74 33.92
N GLU B 55 17.84 1.53 33.37
CA GLU B 55 17.07 0.39 33.85
C GLU B 55 17.40 0.06 35.31
N GLU B 56 18.68 0.07 35.65
CA GLU B 56 19.13 -0.23 37.01
C GLU B 56 18.66 0.85 37.98
N ALA B 57 18.50 2.07 37.48
CA ALA B 57 18.03 3.19 38.30
C ALA B 57 16.50 3.22 38.32
N GLY B 58 15.88 2.17 37.78
CA GLY B 58 14.42 2.06 37.74
C GLY B 58 13.75 3.10 36.85
N GLN B 59 14.48 3.59 35.86
CA GLN B 59 13.95 4.61 34.94
C GLN B 59 13.57 4.06 33.56
N GLY B 60 13.28 2.77 33.49
CA GLY B 60 12.90 2.19 32.21
C GLY B 60 13.43 0.80 31.98
N SER B 61 13.29 0.33 30.74
CA SER B 61 13.77 -1.00 30.37
C SER B 61 14.09 -0.98 28.89
N TYR B 62 14.78 -2.01 28.42
CA TYR B 62 15.14 -2.06 27.01
C TYR B 62 15.45 -3.48 26.57
N GLY B 63 15.59 -3.64 25.26
CA GLY B 63 15.91 -4.93 24.69
C GLY B 63 16.27 -4.75 23.23
N ILE B 64 17.23 -5.53 22.76
CA ILE B 64 17.67 -5.50 21.37
C ILE B 64 17.50 -6.93 20.84
N TYR B 65 16.87 -7.04 19.67
CA TYR B 65 16.61 -8.35 19.08
C TYR B 65 16.98 -8.47 17.61
N GLN B 66 17.34 -9.70 17.21
CA GLN B 66 17.65 -10.01 15.83
C GLN B 66 16.30 -10.49 15.29
N VAL B 67 15.73 -9.73 14.34
CA VAL B 67 14.42 -10.04 13.78
C VAL B 67 14.49 -10.86 12.51
N VAL B 68 13.66 -11.91 12.45
CA VAL B 68 13.63 -12.78 11.28
C VAL B 68 12.87 -12.13 10.12
N GLY B 69 13.34 -12.38 8.89
CA GLY B 69 12.64 -11.88 7.72
C GLY B 69 13.00 -10.51 7.16
N HIS B 70 12.29 -10.12 6.11
CA HIS B 70 12.54 -8.84 5.43
C HIS B 70 11.95 -7.60 6.10
N LYS B 71 11.04 -7.77 7.05
CA LYS B 71 10.40 -6.62 7.69
C LYS B 71 11.32 -5.78 8.56
N ALA B 72 12.36 -6.40 9.11
CA ALA B 72 13.33 -5.72 9.97
C ALA B 72 14.43 -6.70 10.31
N ASP B 73 15.58 -6.17 10.74
CA ASP B 73 16.71 -7.01 11.12
C ASP B 73 17.03 -6.84 12.61
N LEU B 74 16.78 -5.63 13.13
CA LEU B 74 17.04 -5.34 14.53
C LEU B 74 15.93 -4.53 15.17
N LEU B 75 15.48 -4.98 16.33
CA LEU B 75 14.46 -4.27 17.08
C LEU B 75 15.12 -3.66 18.32
N PHE B 76 15.02 -2.34 18.43
CA PHE B 76 15.54 -1.63 19.58
C PHE B 76 14.28 -1.26 20.37
N LEU B 77 14.03 -1.98 21.44
CA LEU B 77 12.85 -1.76 22.28
C LEU B 77 13.24 -1.01 23.54
N ASN B 78 12.58 0.11 23.80
CA ASN B 78 12.85 0.92 24.98
C ASN B 78 11.57 1.37 25.67
N LEU B 79 11.61 1.39 27.00
CA LEU B 79 10.49 1.83 27.82
C LEU B 79 11.06 2.90 28.75
N ARG B 80 10.31 3.99 28.92
CA ARG B 80 10.72 5.12 29.76
C ARG B 80 9.48 5.74 30.45
N PRO B 81 9.70 6.60 31.46
CA PRO B 81 8.60 7.25 32.20
C PRO B 81 7.79 8.27 31.39
N GLY B 82 8.25 8.61 30.19
CA GLY B 82 7.55 9.57 29.36
C GLY B 82 8.08 9.57 27.94
N LEU B 83 7.51 10.41 27.08
CA LEU B 83 7.93 10.48 25.68
C LEU B 83 9.31 11.12 25.48
N ASP B 84 9.60 12.18 26.22
CA ASP B 84 10.89 12.87 26.10
C ASP B 84 12.08 11.94 26.18
N PRO B 85 12.14 11.05 27.21
CA PRO B 85 13.27 10.13 27.31
C PRO B 85 13.33 9.18 26.10
N LEU B 86 12.16 8.86 25.53
CA LEU B 86 12.11 7.98 24.36
C LEU B 86 12.63 8.73 23.14
N LEU B 87 12.23 10.00 23.01
CA LEU B 87 12.69 10.83 21.90
C LEU B 87 14.21 10.92 21.98
N GLU B 88 14.72 11.01 23.20
CA GLU B 88 16.15 11.10 23.46
C GLU B 88 16.86 9.83 22.99
N ALA B 89 16.40 8.67 23.46
CA ALA B 89 17.00 7.38 23.10
C ALA B 89 16.97 7.16 21.60
N GLU B 90 15.86 7.54 20.97
CA GLU B 90 15.68 7.39 19.54
C GLU B 90 16.62 8.31 18.74
N ALA B 91 16.69 9.58 19.14
CA ALA B 91 17.55 10.54 18.46
C ALA B 91 19.02 10.15 18.57
N ARG B 92 19.43 9.72 19.76
CA ARG B 92 20.82 9.31 19.99
C ARG B 92 21.20 8.09 19.17
N LEU B 93 20.26 7.15 19.01
CA LEU B 93 20.54 5.97 18.20
C LEU B 93 20.66 6.39 16.74
N SER B 94 19.73 7.23 16.30
CA SER B 94 19.71 7.71 14.93
C SER B 94 20.95 8.50 14.50
N ARG B 95 21.58 9.19 15.45
CA ARG B 95 22.77 9.96 15.11
C ARG B 95 24.07 9.15 15.30
N SER B 96 23.95 7.91 15.77
CA SER B 96 25.14 7.08 15.97
C SER B 96 25.78 6.70 14.65
N ALA B 97 27.07 6.37 14.70
CA ALA B 97 27.80 5.96 13.50
C ALA B 97 27.20 4.65 12.99
N PHE B 98 26.78 3.79 13.91
CA PHE B 98 26.20 2.52 13.52
C PHE B 98 24.94 2.72 12.68
N ALA B 99 24.13 3.70 13.05
CA ALA B 99 22.89 4.01 12.33
C ALA B 99 23.11 4.39 10.87
N ARG B 100 24.34 4.77 10.52
CA ARG B 100 24.63 5.14 9.13
C ARG B 100 24.43 3.91 8.25
N TYR B 101 24.53 2.73 8.86
CA TYR B 101 24.38 1.46 8.17
C TYR B 101 22.99 0.86 8.37
N LEU B 102 22.07 1.64 8.91
CA LEU B 102 20.70 1.17 9.15
C LEU B 102 19.66 2.00 8.42
N GLY B 103 18.49 1.40 8.22
CA GLY B 103 17.38 2.07 7.59
C GLY B 103 16.17 1.77 8.46
N ARG B 104 15.37 2.78 8.81
CA ARG B 104 14.19 2.55 9.64
C ARG B 104 13.11 1.87 8.79
N SER B 105 12.63 0.72 9.25
CA SER B 105 11.62 -0.02 8.50
C SER B 105 10.23 0.07 9.12
N TYR B 106 10.18 0.13 10.45
CA TYR B 106 8.89 0.22 11.14
C TYR B 106 9.13 0.75 12.55
N SER B 107 8.07 1.23 13.19
CA SER B 107 8.16 1.74 14.55
C SER B 107 6.78 1.81 15.18
N PHE B 108 6.75 1.94 16.49
CA PHE B 108 5.48 2.04 17.19
C PHE B 108 5.67 2.75 18.52
N TYR B 109 4.85 3.78 18.73
CA TYR B 109 4.88 4.54 19.97
C TYR B 109 3.60 4.22 20.74
N SER B 110 3.77 3.77 21.98
CA SER B 110 2.63 3.41 22.80
C SER B 110 2.95 3.58 24.28
N VAL B 111 1.95 3.33 25.12
CA VAL B 111 2.12 3.47 26.56
C VAL B 111 1.50 2.26 27.26
N VAL B 112 2.27 1.62 28.15
CA VAL B 112 1.81 0.46 28.92
C VAL B 112 0.43 0.78 29.47
N GLU B 113 -0.52 -0.09 29.17
CA GLU B 113 -1.90 0.14 29.58
C GLU B 113 -2.54 -1.02 30.30
N LEU B 114 -3.18 -0.71 31.43
CA LEU B 114 -3.89 -1.71 32.20
C LEU B 114 -5.35 -1.31 32.04
N GLY B 115 -6.16 -2.19 31.48
CA GLY B 115 -7.56 -1.88 31.27
C GLY B 115 -8.54 -2.60 32.17
N SER B 116 -9.71 -2.00 32.33
CA SER B 116 -10.81 -2.54 33.13
C SER B 116 -12.09 -2.03 32.50
N GLN B 117 -12.95 -2.95 32.08
CA GLN B 117 -14.20 -2.59 31.41
C GLN B 117 -15.29 -1.95 32.26
N GLU B 118 -15.36 -2.28 33.55
CA GLU B 118 -16.44 -1.73 34.37
C GLU B 118 -16.11 -0.73 35.48
N LYS B 119 -15.03 -0.96 36.22
CA LYS B 119 -14.66 -0.04 37.29
C LYS B 119 -13.18 0.30 37.22
N PRO B 120 -12.83 1.54 37.62
CA PRO B 120 -11.42 1.95 37.59
C PRO B 120 -10.54 1.08 38.48
N LEU B 121 -9.28 0.92 38.09
CA LEU B 121 -8.33 0.12 38.85
C LEU B 121 -7.67 0.95 39.95
N ASP B 122 -7.20 0.26 40.98
CA ASP B 122 -6.51 0.89 42.10
C ASP B 122 -5.03 0.97 41.69
N PRO B 123 -4.55 2.17 41.33
CA PRO B 123 -3.15 2.38 40.91
C PRO B 123 -2.10 2.05 41.98
N GLU B 124 -2.51 1.98 43.24
CA GLU B 124 -1.59 1.68 44.33
C GLU B 124 -1.67 0.24 44.81
N SER B 125 -2.56 -0.54 44.22
CA SER B 125 -2.70 -1.93 44.59
C SER B 125 -1.46 -2.73 44.19
N PRO B 126 -0.95 -3.56 45.11
CA PRO B 126 0.24 -4.36 44.80
C PRO B 126 -0.05 -5.37 43.69
N TYR B 127 -1.32 -5.51 43.35
CA TYR B 127 -1.76 -6.41 42.28
C TYR B 127 -1.89 -5.68 40.94
N VAL B 128 -1.68 -4.37 40.97
CA VAL B 128 -1.81 -3.54 39.78
C VAL B 128 -0.54 -2.74 39.47
N LYS B 129 -0.05 -2.00 40.45
CA LYS B 129 1.13 -1.14 40.30
C LYS B 129 2.37 -1.70 39.58
N PRO B 130 2.82 -2.91 39.96
CA PRO B 130 4.01 -3.51 39.30
C PRO B 130 3.88 -3.68 37.79
N ARG B 131 2.66 -3.91 37.32
CA ARG B 131 2.38 -4.12 35.90
C ARG B 131 2.54 -2.86 35.06
N LEU B 132 2.63 -1.71 35.72
CA LEU B 132 2.80 -0.43 35.04
C LEU B 132 4.21 -0.25 34.48
N THR B 133 5.16 -0.92 35.11
CA THR B 133 6.56 -0.81 34.72
C THR B 133 7.22 -2.17 34.47
N PRO B 134 6.82 -2.85 33.38
CA PRO B 134 7.38 -4.17 33.06
C PRO B 134 8.84 -4.13 32.64
N ARG B 135 9.60 -5.11 33.13
CA ARG B 135 11.01 -5.22 32.81
C ARG B 135 11.12 -6.21 31.65
N VAL B 136 11.86 -5.82 30.62
CA VAL B 136 12.06 -6.68 29.45
C VAL B 136 12.99 -7.83 29.81
N PRO B 137 12.57 -9.09 29.55
CA PRO B 137 13.38 -10.28 29.85
C PRO B 137 14.69 -10.25 29.07
N LYS B 138 15.81 -10.52 29.76
CA LYS B 138 17.11 -10.51 29.10
C LYS B 138 17.51 -11.87 28.54
N SER B 139 16.60 -12.47 27.78
CA SER B 139 16.82 -13.76 27.17
C SER B 139 15.62 -14.10 26.29
N GLY B 140 15.67 -15.26 25.65
CA GLY B 140 14.57 -15.70 24.84
C GLY B 140 14.23 -14.95 23.57
N TYR B 141 12.93 -14.85 23.32
CA TYR B 141 12.41 -14.22 22.11
C TYR B 141 11.27 -13.26 22.38
N VAL B 142 10.94 -12.48 21.36
CA VAL B 142 9.85 -11.51 21.45
C VAL B 142 8.97 -11.60 20.21
N CYS B 143 7.68 -11.35 20.39
CA CYS B 143 6.70 -11.31 19.32
C CYS B 143 5.99 -9.98 19.48
N PHE B 144 6.04 -9.14 18.46
CA PHE B 144 5.35 -7.87 18.53
C PHE B 144 4.34 -7.72 17.40
N TYR B 145 3.17 -7.19 17.74
CA TYR B 145 2.13 -6.92 16.76
C TYR B 145 1.15 -5.87 17.26
N PRO B 146 0.73 -4.97 16.36
CA PRO B 146 -0.23 -3.93 16.71
C PRO B 146 -1.63 -4.49 16.38
N MET B 147 -2.66 -3.90 16.97
CA MET B 147 -4.03 -4.36 16.70
C MET B 147 -5.06 -3.32 17.07
N ASN B 148 -6.24 -3.45 16.47
CA ASN B 148 -7.38 -2.58 16.74
C ASN B 148 -8.54 -3.48 17.16
N LYS B 149 -9.57 -2.87 17.75
CA LYS B 149 -10.78 -3.60 18.12
C LYS B 149 -11.74 -3.21 17.00
N ARG B 150 -12.30 -4.22 16.33
CA ARG B 150 -13.19 -4.01 15.20
C ARG B 150 -14.44 -3.15 15.44
N ARG B 151 -14.73 -2.30 14.45
CA ARG B 151 -15.90 -1.42 14.47
C ARG B 151 -16.52 -1.54 13.09
N GLN B 152 -17.06 -2.72 12.79
CA GLN B 152 -17.64 -2.95 11.47
C GLN B 152 -18.94 -3.73 11.53
N GLY B 153 -19.97 -3.20 10.89
CA GLY B 153 -21.27 -3.84 10.87
C GLY B 153 -21.75 -4.26 12.23
N GLN B 154 -22.09 -5.55 12.37
CA GLN B 154 -22.57 -6.10 13.62
C GLN B 154 -21.44 -6.46 14.60
N ASP B 155 -20.20 -6.28 14.17
CA ASP B 155 -19.02 -6.56 15.00
C ASP B 155 -18.39 -5.23 15.41
N ASN B 156 -19.07 -4.49 16.27
CA ASN B 156 -18.57 -3.20 16.73
C ASN B 156 -18.28 -3.22 18.22
N TRP B 157 -17.00 -3.42 18.55
CA TRP B 157 -16.56 -3.46 19.94
C TRP B 157 -16.94 -2.23 20.74
N TYR B 158 -16.70 -1.07 20.16
CA TYR B 158 -16.98 0.20 20.83
C TYR B 158 -18.44 0.54 21.10
N MET B 159 -19.37 -0.14 20.44
CA MET B 159 -20.81 0.07 20.65
C MET B 159 -21.41 -0.89 21.69
N LEU B 160 -20.64 -1.92 22.05
CA LEU B 160 -21.09 -2.91 23.02
C LEU B 160 -21.20 -2.35 24.43
N PRO B 161 -22.07 -2.95 25.26
CA PRO B 161 -22.25 -2.50 26.65
C PRO B 161 -20.98 -2.93 27.40
N ALA B 162 -20.60 -2.20 28.44
CA ALA B 162 -19.40 -2.52 29.21
C ALA B 162 -19.43 -3.93 29.78
N LYS B 163 -20.63 -4.39 30.15
CA LYS B 163 -20.81 -5.72 30.71
C LYS B 163 -20.38 -6.81 29.72
N GLU B 164 -20.76 -6.65 28.46
CA GLU B 164 -20.40 -7.62 27.44
C GLU B 164 -18.90 -7.60 27.16
N ARG B 165 -18.33 -6.41 27.10
CA ARG B 165 -16.89 -6.28 26.88
C ARG B 165 -16.12 -6.94 28.02
N ALA B 166 -16.62 -6.75 29.25
CA ALA B 166 -16.00 -7.34 30.43
C ALA B 166 -16.00 -8.86 30.34
N SER B 167 -17.12 -9.42 29.90
CA SER B 167 -17.26 -10.86 29.74
C SER B 167 -16.30 -11.41 28.69
N LEU B 168 -16.25 -10.72 27.54
CA LEU B 168 -15.39 -11.11 26.44
C LEU B 168 -13.91 -11.04 26.83
N MET B 169 -13.54 -9.99 27.56
CA MET B 169 -12.16 -9.82 28.00
C MET B 169 -11.77 -10.83 29.07
N LYS B 170 -12.71 -11.18 29.94
CA LYS B 170 -12.42 -12.14 31.00
C LYS B 170 -12.05 -13.48 30.38
N ALA B 171 -12.85 -13.92 29.41
CA ALA B 171 -12.62 -15.19 28.72
C ALA B 171 -11.25 -15.16 28.03
N HIS B 172 -10.93 -14.02 27.42
CA HIS B 172 -9.65 -13.86 26.74
C HIS B 172 -8.48 -13.98 27.73
N GLY B 173 -8.63 -13.33 28.89
CA GLY B 173 -7.59 -13.38 29.90
C GLY B 173 -7.37 -14.80 30.40
N GLU B 174 -8.46 -15.54 30.51
CA GLU B 174 -8.39 -16.93 30.95
C GLU B 174 -7.62 -17.79 29.95
N THR B 175 -7.84 -17.58 28.66
CA THR B 175 -7.10 -18.35 27.64
C THR B 175 -5.62 -18.04 27.77
N GLY B 176 -5.30 -16.75 27.94
CA GLY B 176 -3.92 -16.33 28.07
C GLY B 176 -3.22 -16.91 29.29
N ARG B 177 -3.94 -17.06 30.40
CA ARG B 177 -3.35 -17.61 31.62
C ARG B 177 -3.00 -19.08 31.56
N LYS B 178 -3.42 -19.76 30.49
CA LYS B 178 -3.08 -21.17 30.33
C LYS B 178 -1.57 -21.22 30.08
N TYR B 179 -1.04 -20.10 29.60
CA TYR B 179 0.38 -19.95 29.30
C TYR B 179 1.14 -19.24 30.40
N GLN B 180 0.56 -19.17 31.60
CA GLN B 180 1.22 -18.53 32.74
C GLN B 180 2.57 -19.19 32.99
N GLY B 181 3.60 -18.37 33.10
CA GLY B 181 4.94 -18.90 33.32
C GLY B 181 5.63 -19.31 32.03
N GLU B 182 4.91 -19.31 30.91
CA GLU B 182 5.49 -19.69 29.62
C GLU B 182 5.62 -18.49 28.68
N VAL B 183 4.61 -17.64 28.69
CA VAL B 183 4.60 -16.45 27.84
C VAL B 183 4.27 -15.22 28.70
N MET B 184 5.11 -14.20 28.61
CA MET B 184 4.90 -12.96 29.33
C MET B 184 4.24 -11.99 28.35
N GLN B 185 3.23 -11.26 28.81
CA GLN B 185 2.52 -10.32 27.94
C GLN B 185 2.56 -8.87 28.42
N VAL B 186 2.85 -7.96 27.50
CA VAL B 186 2.85 -6.53 27.82
C VAL B 186 1.90 -5.86 26.82
N ILE B 187 0.81 -5.31 27.33
CA ILE B 187 -0.16 -4.62 26.48
C ILE B 187 0.04 -3.11 26.63
N SER B 188 0.16 -2.43 25.50
CA SER B 188 0.34 -0.99 25.50
C SER B 188 -0.71 -0.35 24.58
N GLY B 189 -1.16 0.85 24.95
CA GLY B 189 -2.16 1.54 24.16
C GLY B 189 -1.55 2.64 23.31
N ALA B 190 -2.00 2.75 22.06
CA ALA B 190 -1.50 3.79 21.17
C ALA B 190 -2.64 4.64 20.61
N GLN B 191 -3.77 4.60 21.28
CA GLN B 191 -4.94 5.38 20.87
C GLN B 191 -4.50 6.85 20.88
N GLY B 192 -4.60 7.51 19.73
CA GLY B 192 -4.18 8.90 19.65
C GLY B 192 -2.67 9.10 19.62
N LEU B 193 -1.91 8.01 19.63
CA LEU B 193 -0.45 8.10 19.62
C LEU B 193 0.22 7.48 18.40
N ASP B 194 -0.43 6.48 17.81
CA ASP B 194 0.12 5.84 16.61
C ASP B 194 -1.01 5.27 15.73
N ASP B 195 -0.64 4.56 14.67
CA ASP B 195 -1.60 4.05 13.69
C ASP B 195 -2.56 2.95 14.11
N TRP B 196 -2.25 2.27 15.21
CA TRP B 196 -3.10 1.19 15.71
C TRP B 196 -3.45 1.53 17.16
N GLU B 197 -4.56 0.95 17.64
CA GLU B 197 -5.03 1.20 19.01
C GLU B 197 -4.17 0.59 20.12
N TRP B 198 -3.60 -0.57 19.86
CA TRP B 198 -2.75 -1.24 20.85
C TRP B 198 -1.50 -1.84 20.23
N GLY B 199 -0.50 -2.02 21.09
CA GLY B 199 0.73 -2.66 20.71
C GLY B 199 0.76 -3.85 21.65
N VAL B 200 1.21 -5.01 21.15
CA VAL B 200 1.27 -6.19 22.00
C VAL B 200 2.65 -6.82 21.94
N ASP B 201 3.24 -7.04 23.11
CA ASP B 201 4.54 -7.68 23.22
C ASP B 201 4.38 -9.00 23.96
N LEU B 202 4.87 -10.07 23.35
CA LEU B 202 4.84 -11.39 23.97
C LEU B 202 6.29 -11.83 24.11
N PHE B 203 6.65 -12.33 25.27
CA PHE B 203 8.02 -12.80 25.52
C PHE B 203 7.96 -14.26 25.92
N SER B 204 8.90 -15.05 25.40
CA SER B 204 8.96 -16.47 25.71
C SER B 204 10.35 -17.03 25.39
N GLU B 205 10.66 -18.17 25.99
CA GLU B 205 11.94 -18.83 25.77
C GLU B 205 11.91 -19.71 24.51
N ASP B 206 10.73 -19.83 23.92
CA ASP B 206 10.53 -20.65 22.71
C ASP B 206 9.51 -19.91 21.85
N PRO B 207 9.90 -19.52 20.62
CA PRO B 207 8.99 -18.80 19.71
C PRO B 207 7.74 -19.57 19.32
N VAL B 208 7.77 -20.90 19.44
CA VAL B 208 6.62 -21.71 19.11
C VAL B 208 5.46 -21.41 20.06
N GLN B 209 5.79 -20.94 21.27
CA GLN B 209 4.78 -20.58 22.26
C GLN B 209 3.93 -19.43 21.71
N PHE B 210 4.55 -18.56 20.91
CA PHE B 210 3.83 -17.42 20.31
C PHE B 210 2.76 -17.97 19.36
N LYS B 211 3.13 -18.98 18.58
CA LYS B 211 2.22 -19.60 17.63
C LYS B 211 1.05 -20.27 18.35
N LYS B 212 1.37 -21.01 19.41
CA LYS B 212 0.34 -21.69 20.19
C LYS B 212 -0.67 -20.74 20.82
N ILE B 213 -0.19 -19.73 21.55
CA ILE B 213 -1.08 -18.78 22.20
C ILE B 213 -1.88 -17.90 21.24
N VAL B 214 -1.24 -17.36 20.20
CA VAL B 214 -1.94 -16.51 19.26
C VAL B 214 -3.03 -17.28 18.48
N TYR B 215 -2.71 -18.51 18.05
CA TYR B 215 -3.70 -19.31 17.33
C TYR B 215 -4.87 -19.69 18.24
N GLU B 216 -4.58 -20.15 19.46
CA GLU B 216 -5.63 -20.52 20.39
C GLU B 216 -6.52 -19.33 20.74
N MET B 217 -5.91 -18.17 20.99
CA MET B 217 -6.65 -16.97 21.32
C MET B 217 -7.59 -16.51 20.21
N ARG B 218 -7.28 -16.85 18.97
CA ARG B 218 -8.12 -16.43 17.84
C ARG B 218 -9.50 -17.08 17.85
N PHE B 219 -9.65 -18.15 18.64
CA PHE B 219 -10.94 -18.83 18.74
C PHE B 219 -11.82 -18.23 19.84
N ASP B 220 -11.23 -17.38 20.68
CA ASP B 220 -12.01 -16.70 21.72
C ASP B 220 -12.88 -15.72 20.94
N GLU B 221 -14.15 -15.56 21.32
CA GLU B 221 -15.03 -14.65 20.61
C GLU B 221 -14.49 -13.22 20.46
N VAL B 222 -13.83 -12.71 21.51
CA VAL B 222 -13.28 -11.36 21.48
C VAL B 222 -12.31 -11.18 20.30
N SER B 223 -11.53 -12.22 19.99
CA SER B 223 -10.58 -12.15 18.89
C SER B 223 -11.21 -12.50 17.55
N ALA B 224 -11.99 -13.59 17.53
CA ALA B 224 -12.67 -14.03 16.32
C ALA B 224 -13.56 -12.94 15.70
N ARG B 225 -14.34 -12.27 16.53
CA ARG B 225 -15.24 -11.23 16.04
C ARG B 225 -14.71 -9.80 16.10
N TYR B 226 -13.80 -9.52 17.03
CA TYR B 226 -13.31 -8.14 17.18
C TYR B 226 -11.84 -7.84 16.96
N GLY B 227 -11.03 -8.86 16.70
CA GLY B 227 -9.62 -8.60 16.49
C GLY B 227 -9.21 -8.19 15.09
N GLU B 228 -8.48 -7.08 14.97
CA GLU B 228 -7.96 -6.60 13.69
C GLU B 228 -6.47 -6.55 13.95
N PHE B 229 -5.73 -7.42 13.27
CA PHE B 229 -4.29 -7.52 13.49
C PHE B 229 -3.39 -6.91 12.43
N GLY B 230 -2.29 -6.33 12.89
CA GLY B 230 -1.32 -5.74 11.98
C GLY B 230 -0.20 -6.75 11.74
N PRO B 231 0.98 -6.29 11.31
CA PRO B 231 2.12 -7.17 11.04
C PRO B 231 2.66 -7.82 12.33
N PHE B 232 3.25 -9.01 12.19
CA PHE B 232 3.83 -9.71 13.34
C PHE B 232 5.35 -9.81 13.16
N PHE B 233 6.09 -9.38 14.18
CA PHE B 233 7.55 -9.43 14.15
C PHE B 233 8.05 -10.38 15.24
N VAL B 234 8.96 -11.27 14.88
CA VAL B 234 9.54 -12.19 15.84
C VAL B 234 11.05 -11.97 15.88
N GLY B 235 11.58 -11.80 17.08
CA GLY B 235 13.01 -11.57 17.23
C GLY B 235 13.61 -12.33 18.37
N LYS B 236 14.91 -12.60 18.26
CA LYS B 236 15.64 -13.32 19.31
C LYS B 236 16.46 -12.31 20.09
N TYR B 237 16.31 -12.33 21.41
CA TYR B 237 17.04 -11.42 22.28
C TYR B 237 18.55 -11.53 22.09
N LEU B 238 19.22 -10.40 21.99
CA LEU B 238 20.66 -10.38 21.81
C LEU B 238 21.39 -9.71 22.96
N ASP B 239 22.23 -10.46 23.67
CA ASP B 239 23.03 -9.83 24.72
C ASP B 239 24.19 -9.18 23.96
N GLU B 240 25.09 -8.49 24.66
CA GLU B 240 26.19 -7.83 23.97
C GLU B 240 27.02 -8.74 23.06
N GLU B 241 27.40 -9.91 23.56
CA GLU B 241 28.19 -10.85 22.77
C GLU B 241 27.44 -11.37 21.56
N ALA B 242 26.13 -11.59 21.71
CA ALA B 242 25.31 -12.06 20.60
C ALA B 242 25.24 -10.99 19.51
N LEU B 243 25.12 -9.74 19.93
CA LEU B 243 25.07 -8.62 18.97
C LEU B 243 26.43 -8.47 18.27
N ARG B 244 27.51 -8.67 19.03
CA ARG B 244 28.86 -8.57 18.46
C ARG B 244 29.02 -9.62 17.36
N ALA B 245 28.57 -10.84 17.63
CA ALA B 245 28.66 -11.92 16.64
C ALA B 245 27.77 -11.63 15.44
N PHE B 246 26.59 -11.08 15.68
CA PHE B 246 25.66 -10.74 14.59
C PHE B 246 26.30 -9.73 13.65
N LEU B 247 27.04 -8.79 14.23
CA LEU B 247 27.71 -7.75 13.46
C LEU B 247 29.07 -8.17 12.86
N GLY B 248 29.45 -9.43 13.09
CA GLY B 248 30.71 -9.94 12.56
C GLY B 248 31.96 -9.36 13.21
N LEU B 249 31.83 -8.95 14.46
CA LEU B 249 32.95 -8.36 15.20
C LEU B 249 33.46 -9.27 16.32
N ARG C 3 -23.38 -17.31 24.74
CA ARG C 3 -22.43 -18.16 25.50
C ARG C 3 -21.56 -19.04 24.58
N HIS C 4 -20.77 -18.39 23.73
CA HIS C 4 -19.90 -19.09 22.80
C HIS C 4 -18.80 -19.86 23.50
N VAL C 5 -18.70 -21.15 23.18
CA VAL C 5 -17.68 -22.01 23.75
C VAL C 5 -16.63 -22.31 22.67
N PRO C 6 -15.42 -21.78 22.83
CA PRO C 6 -14.36 -22.02 21.83
C PRO C 6 -13.90 -23.48 21.81
N GLU C 7 -13.59 -23.95 20.61
CA GLU C 7 -13.11 -25.31 20.39
C GLU C 7 -11.91 -25.13 19.46
N PRO C 8 -10.81 -24.56 19.99
CA PRO C 8 -9.59 -24.33 19.20
C PRO C 8 -8.97 -25.56 18.56
N THR C 9 -8.54 -25.38 17.32
CA THR C 9 -7.92 -26.45 16.55
C THR C 9 -6.60 -26.88 17.19
N HIS C 10 -6.42 -28.20 17.33
CA HIS C 10 -5.20 -28.78 17.90
C HIS C 10 -4.16 -28.85 16.80
N THR C 11 -2.89 -28.63 17.15
CA THR C 11 -1.83 -28.69 16.15
C THR C 11 -0.55 -29.36 16.65
N LEU C 12 0.18 -29.91 15.70
CA LEU C 12 1.48 -30.52 15.96
C LEU C 12 2.43 -29.67 15.12
N GLU C 13 3.56 -29.27 15.71
CA GLU C 13 4.54 -28.45 15.00
C GLU C 13 5.75 -29.28 14.60
N GLY C 14 6.18 -29.11 13.36
CA GLY C 14 7.36 -29.82 12.87
C GLY C 14 8.49 -28.83 12.66
N TRP C 15 9.19 -28.95 11.53
CA TRP C 15 10.29 -28.06 11.22
C TRP C 15 9.85 -26.61 11.02
N HIS C 16 10.74 -25.68 11.37
CA HIS C 16 10.48 -24.26 11.17
C HIS C 16 10.84 -23.99 9.72
N VAL C 17 10.14 -23.05 9.09
CA VAL C 17 10.35 -22.75 7.67
C VAL C 17 10.60 -21.26 7.40
N LEU C 18 11.52 -20.99 6.49
CA LEU C 18 11.82 -19.62 6.10
C LEU C 18 11.84 -19.50 4.58
N HIS C 19 11.01 -18.60 4.07
CA HIS C 19 10.98 -18.31 2.64
C HIS C 19 11.71 -16.98 2.54
N ASP C 20 12.83 -16.99 1.83
CA ASP C 20 13.64 -15.78 1.65
C ASP C 20 13.67 -15.47 0.16
N PHE C 21 12.83 -14.52 -0.25
CA PHE C 21 12.74 -14.09 -1.64
C PHE C 21 13.62 -12.86 -1.87
N ARG C 22 14.42 -12.91 -2.93
CA ARG C 22 15.32 -11.81 -3.24
C ARG C 22 15.25 -11.47 -4.72
N LEU C 23 15.51 -10.20 -5.02
CA LEU C 23 15.52 -9.68 -6.38
C LEU C 23 17.00 -9.54 -6.75
N LEU C 24 17.36 -9.94 -7.97
CA LEU C 24 18.74 -9.81 -8.44
C LEU C 24 18.94 -8.50 -9.19
N ASP C 25 20.00 -7.76 -8.83
CA ASP C 25 20.32 -6.52 -9.54
C ASP C 25 21.11 -6.99 -10.77
N PHE C 26 20.37 -7.35 -11.83
CA PHE C 26 20.98 -7.85 -13.07
C PHE C 26 22.10 -6.97 -13.61
N ALA C 27 21.82 -5.67 -13.72
CA ALA C 27 22.80 -4.71 -14.23
C ALA C 27 24.11 -4.75 -13.47
N ARG C 28 24.04 -4.69 -12.14
CA ARG C 28 25.23 -4.71 -11.30
C ARG C 28 25.99 -6.04 -11.38
N TRP C 29 25.27 -7.15 -11.29
CA TRP C 29 25.88 -8.48 -11.34
C TRP C 29 26.58 -8.80 -12.65
N PHE C 30 25.85 -8.69 -13.76
CA PHE C 30 26.41 -9.01 -15.07
C PHE C 30 27.47 -8.05 -15.61
N SER C 31 27.60 -6.87 -15.01
CA SER C 31 28.62 -5.91 -15.45
C SER C 31 29.77 -5.84 -14.45
N ALA C 32 29.67 -6.62 -13.37
CA ALA C 32 30.71 -6.66 -12.35
C ALA C 32 31.94 -7.42 -12.85
N PRO C 33 33.13 -7.10 -12.32
CA PRO C 33 34.35 -7.80 -12.75
C PRO C 33 34.26 -9.31 -12.50
N LEU C 34 34.78 -10.08 -13.45
CA LEU C 34 34.77 -11.54 -13.39
C LEU C 34 35.28 -12.07 -12.05
N GLU C 35 36.32 -11.44 -11.52
CA GLU C 35 36.90 -11.85 -10.24
C GLU C 35 35.84 -11.74 -9.13
N ALA C 36 35.12 -10.62 -9.11
CA ALA C 36 34.08 -10.40 -8.11
C ALA C 36 32.98 -11.46 -8.22
N ARG C 37 32.53 -11.74 -9.44
CA ARG C 37 31.47 -12.72 -9.65
C ARG C 37 31.88 -14.15 -9.28
N GLU C 38 33.10 -14.54 -9.63
CA GLU C 38 33.59 -15.88 -9.31
C GLU C 38 33.78 -16.06 -7.81
N ASP C 39 34.32 -15.04 -7.13
CA ASP C 39 34.52 -15.11 -5.69
C ASP C 39 33.18 -15.26 -4.97
N ALA C 40 32.20 -14.52 -5.44
CA ALA C 40 30.85 -14.55 -4.87
C ALA C 40 30.21 -15.92 -5.07
N TRP C 41 30.37 -16.46 -6.28
CA TRP C 41 29.82 -17.77 -6.63
C TRP C 41 30.42 -18.87 -5.77
N GLU C 42 31.75 -18.88 -5.66
CA GLU C 42 32.44 -19.88 -4.85
C GLU C 42 31.97 -19.84 -3.39
N GLU C 43 31.79 -18.63 -2.87
CA GLU C 43 31.33 -18.46 -1.50
C GLU C 43 29.88 -18.94 -1.33
N LEU C 44 29.04 -18.62 -2.31
CA LEU C 44 27.63 -19.04 -2.28
C LEU C 44 27.52 -20.56 -2.32
N LYS C 45 28.32 -21.19 -3.19
CA LYS C 45 28.33 -22.65 -3.31
C LYS C 45 28.63 -23.29 -1.97
N GLY C 46 29.65 -22.74 -1.29
CA GLY C 46 30.04 -23.25 0.01
C GLY C 46 28.92 -23.14 1.03
N LEU C 47 28.19 -22.04 0.98
CA LEU C 47 27.08 -21.81 1.89
C LEU C 47 25.99 -22.85 1.62
N VAL C 48 25.60 -23.00 0.36
CA VAL C 48 24.57 -23.96 -0.02
C VAL C 48 24.98 -25.39 0.29
N ARG C 49 26.27 -25.69 0.16
CA ARG C 49 26.77 -27.03 0.46
C ARG C 49 26.53 -27.36 1.94
N GLU C 50 26.64 -26.35 2.80
CA GLU C 50 26.39 -26.54 4.22
C GLU C 50 24.93 -26.95 4.41
N TRP C 51 24.04 -26.31 3.65
CA TRP C 51 22.61 -26.61 3.71
C TRP C 51 22.35 -28.02 3.18
N ARG C 52 23.05 -28.38 2.10
CA ARG C 52 22.92 -29.69 1.47
C ARG C 52 23.32 -30.80 2.42
N GLU C 53 24.48 -30.64 3.07
CA GLU C 53 25.00 -31.62 4.02
C GLU C 53 24.08 -31.76 5.22
N LEU C 54 23.50 -30.64 5.63
CA LEU C 54 22.57 -30.58 6.75
C LEU C 54 21.35 -31.42 6.40
N GLU C 55 20.89 -31.32 5.16
CA GLU C 55 19.73 -32.06 4.67
C GLU C 55 20.04 -33.56 4.55
N GLU C 56 21.27 -33.88 4.17
CA GLU C 56 21.69 -35.27 4.03
C GLU C 56 21.72 -35.94 5.39
N ALA C 57 22.02 -35.17 6.43
CA ALA C 57 22.06 -35.68 7.80
C ALA C 57 20.66 -35.67 8.43
N GLY C 58 19.64 -35.43 7.60
CA GLY C 58 18.27 -35.40 8.06
C GLY C 58 17.97 -34.32 9.08
N GLN C 59 18.80 -33.29 9.12
CA GLN C 59 18.62 -32.19 10.07
C GLN C 59 17.94 -30.96 9.47
N GLY C 60 17.37 -31.11 8.28
CA GLY C 60 16.70 -30.00 7.64
C GLY C 60 16.48 -30.24 6.15
N SER C 61 16.12 -29.18 5.43
CA SER C 61 15.88 -29.27 4.00
C SER C 61 16.00 -27.89 3.39
N TYR C 62 16.28 -27.82 2.09
CA TYR C 62 16.43 -26.54 1.42
C TYR C 62 16.03 -26.61 -0.05
N GLY C 63 15.93 -25.44 -0.67
CA GLY C 63 15.59 -25.34 -2.07
C GLY C 63 15.82 -23.92 -2.57
N ILE C 64 16.41 -23.80 -3.75
CA ILE C 64 16.67 -22.51 -4.37
C ILE C 64 15.93 -22.52 -5.71
N TYR C 65 15.12 -21.49 -5.94
CA TYR C 65 14.32 -21.41 -7.15
C TYR C 65 14.42 -20.10 -7.91
N GLN C 66 14.27 -20.19 -9.22
CA GLN C 66 14.26 -19.03 -10.10
C GLN C 66 12.78 -18.66 -10.15
N VAL C 67 12.45 -17.49 -9.63
CA VAL C 67 11.06 -17.03 -9.56
C VAL C 67 10.65 -16.13 -10.72
N VAL C 68 9.50 -16.44 -11.32
CA VAL C 68 9.00 -15.66 -12.45
C VAL C 68 8.37 -14.34 -11.99
N GLY C 69 8.55 -13.28 -12.78
CA GLY C 69 7.95 -12.00 -12.44
C GLY C 69 8.75 -11.01 -11.63
N HIS C 70 8.14 -9.85 -11.37
CA HIS C 70 8.80 -8.78 -10.63
C HIS C 70 8.80 -8.94 -9.11
N LYS C 71 7.98 -9.84 -8.58
CA LYS C 71 7.91 -10.02 -7.13
C LYS C 71 9.18 -10.54 -6.46
N ALA C 72 9.95 -11.35 -7.19
CA ALA C 72 11.20 -11.92 -6.71
C ALA C 72 11.89 -12.63 -7.87
N ASP C 73 13.19 -12.88 -7.75
CA ASP C 73 13.96 -13.57 -8.80
C ASP C 73 14.50 -14.89 -8.27
N LEU C 74 14.82 -14.91 -6.98
CA LEU C 74 15.35 -16.12 -6.36
C LEU C 74 14.67 -16.37 -5.01
N LEU C 75 14.31 -17.63 -4.78
CA LEU C 75 13.71 -18.02 -3.51
C LEU C 75 14.68 -18.97 -2.82
N PHE C 76 15.08 -18.59 -1.62
CA PHE C 76 15.96 -19.44 -0.81
C PHE C 76 15.05 -19.99 0.26
N LEU C 77 14.66 -21.26 0.10
CA LEU C 77 13.78 -21.93 1.03
C LEU C 77 14.55 -22.83 1.97
N ASN C 78 14.33 -22.67 3.27
CA ASN C 78 15.02 -23.48 4.27
C ASN C 78 14.09 -23.96 5.39
N LEU C 79 14.30 -25.20 5.80
CA LEU C 79 13.54 -25.80 6.89
C LEU C 79 14.56 -26.32 7.91
N ARG C 80 14.36 -25.98 9.18
CA ARG C 80 15.26 -26.38 10.27
C ARG C 80 14.48 -26.73 11.54
N PRO C 81 15.13 -27.39 12.51
CA PRO C 81 14.48 -27.79 13.78
C PRO C 81 14.05 -26.62 14.68
N GLY C 82 14.42 -25.40 14.30
CA GLY C 82 14.08 -24.24 15.10
C GLY C 82 14.36 -22.92 14.40
N LEU C 83 14.05 -21.82 15.05
CA LEU C 83 14.26 -20.48 14.48
C LEU C 83 15.73 -20.07 14.41
N ASP C 84 16.51 -20.42 15.43
CA ASP C 84 17.93 -20.08 15.47
C ASP C 84 18.70 -20.45 14.20
N PRO C 85 18.56 -21.71 13.73
CA PRO C 85 19.26 -22.13 12.51
C PRO C 85 18.81 -21.32 11.29
N LEU C 86 17.56 -20.89 11.29
CA LEU C 86 17.01 -20.09 10.18
C LEU C 86 17.57 -18.68 10.20
N LEU C 87 17.66 -18.09 11.39
CA LEU C 87 18.21 -16.75 11.56
C LEU C 87 19.66 -16.78 11.05
N GLU C 88 20.34 -17.89 11.33
CA GLU C 88 21.73 -18.08 10.91
C GLU C 88 21.84 -18.19 9.40
N ALA C 89 20.92 -18.92 8.78
CA ALA C 89 20.92 -19.11 7.35
C ALA C 89 20.69 -17.80 6.58
N GLU C 90 19.72 -17.01 7.02
CA GLU C 90 19.45 -15.73 6.34
C GLU C 90 20.52 -14.68 6.64
N ALA C 91 21.14 -14.77 7.82
CA ALA C 91 22.20 -13.82 8.18
C ALA C 91 23.44 -14.13 7.33
N ARG C 92 23.74 -15.43 7.21
CA ARG C 92 24.88 -15.88 6.41
C ARG C 92 24.72 -15.51 4.94
N LEU C 93 23.49 -15.64 4.44
CA LEU C 93 23.22 -15.29 3.05
C LEU C 93 23.33 -13.77 2.87
N SER C 94 22.78 -13.02 3.83
CA SER C 94 22.80 -11.56 3.78
C SER C 94 24.21 -10.95 3.82
N ARG C 95 25.15 -11.62 4.48
CA ARG C 95 26.51 -11.09 4.54
C ARG C 95 27.42 -11.64 3.43
N SER C 96 26.89 -12.54 2.60
CA SER C 96 27.68 -13.11 1.50
C SER C 96 27.96 -12.01 0.47
N ALA C 97 29.01 -12.20 -0.34
CA ALA C 97 29.36 -11.24 -1.37
C ALA C 97 28.25 -11.19 -2.41
N PHE C 98 27.63 -12.35 -2.66
CA PHE C 98 26.56 -12.44 -3.63
C PHE C 98 25.37 -11.56 -3.25
N ALA C 99 25.05 -11.50 -1.95
CA ALA C 99 23.92 -10.70 -1.47
C ALA C 99 24.08 -9.21 -1.74
N ARG C 100 25.31 -8.78 -2.03
CA ARG C 100 25.57 -7.39 -2.36
C ARG C 100 24.83 -7.03 -3.65
N TYR C 101 24.49 -8.07 -4.43
CA TYR C 101 23.78 -7.91 -5.70
C TYR C 101 22.31 -8.30 -5.57
N LEU C 102 21.84 -8.46 -4.34
CA LEU C 102 20.46 -8.84 -4.10
C LEU C 102 19.71 -7.83 -3.24
N GLY C 103 18.39 -7.83 -3.41
CA GLY C 103 17.52 -6.97 -2.63
C GLY C 103 16.41 -7.85 -2.09
N ARG C 104 16.15 -7.78 -0.79
CA ARG C 104 15.08 -8.60 -0.20
C ARG C 104 13.74 -8.03 -0.66
N SER C 105 12.89 -8.85 -1.27
CA SER C 105 11.59 -8.38 -1.74
C SER C 105 10.42 -8.94 -0.95
N TYR C 106 10.61 -10.13 -0.36
CA TYR C 106 9.56 -10.75 0.43
C TYR C 106 10.15 -11.88 1.26
N SER C 107 9.42 -12.29 2.29
CA SER C 107 9.87 -13.37 3.16
C SER C 107 8.70 -13.86 3.98
N PHE C 108 8.88 -15.02 4.58
CA PHE C 108 7.84 -15.61 5.42
C PHE C 108 8.48 -16.58 6.39
N TYR C 109 8.13 -16.42 7.67
CA TYR C 109 8.62 -17.29 8.73
C TYR C 109 7.39 -18.04 9.25
N SER C 110 7.46 -19.36 9.22
CA SER C 110 6.37 -20.22 9.65
C SER C 110 6.92 -21.53 10.19
N VAL C 111 6.03 -22.41 10.66
CA VAL C 111 6.42 -23.70 11.21
C VAL C 111 5.47 -24.77 10.65
N VAL C 112 6.04 -25.84 10.10
CA VAL C 112 5.24 -26.93 9.54
C VAL C 112 4.16 -27.28 10.57
N GLU C 113 2.91 -27.32 10.11
CA GLU C 113 1.79 -27.57 11.00
C GLU C 113 0.84 -28.66 10.52
N LEU C 114 0.50 -29.56 11.42
CA LEU C 114 -0.42 -30.64 11.13
C LEU C 114 -1.62 -30.39 12.05
N GLY C 115 -2.72 -29.94 11.46
CA GLY C 115 -3.91 -29.64 12.25
C GLY C 115 -4.94 -30.74 12.34
N SER C 116 -5.80 -30.63 13.34
CA SER C 116 -6.89 -31.57 13.59
C SER C 116 -7.94 -30.79 14.35
N GLN C 117 -9.12 -30.68 13.75
CA GLN C 117 -10.22 -29.91 14.31
C GLN C 117 -10.88 -30.37 15.61
N GLU C 118 -10.79 -31.65 15.96
CA GLU C 118 -11.46 -32.12 17.17
C GLU C 118 -10.66 -32.86 18.25
N LYS C 119 -9.58 -33.52 17.87
CA LYS C 119 -8.77 -34.28 18.83
C LYS C 119 -7.28 -34.18 18.56
N PRO C 120 -6.45 -34.32 19.61
CA PRO C 120 -5.00 -34.26 19.45
C PRO C 120 -4.53 -35.37 18.50
N LEU C 121 -3.59 -35.02 17.62
CA LEU C 121 -3.03 -35.95 16.64
C LEU C 121 -1.89 -36.74 17.30
N ASP C 122 -1.65 -37.95 16.84
CA ASP C 122 -0.56 -38.77 17.39
C ASP C 122 0.72 -38.51 16.60
N PRO C 123 1.70 -37.85 17.22
CA PRO C 123 2.99 -37.51 16.60
C PRO C 123 3.83 -38.71 16.17
N GLU C 124 3.43 -39.91 16.60
CA GLU C 124 4.15 -41.14 16.26
C GLU C 124 3.54 -41.97 15.14
N SER C 125 2.31 -41.64 14.75
CA SER C 125 1.65 -42.37 13.67
C SER C 125 2.44 -42.29 12.37
N PRO C 126 2.54 -43.42 11.64
CA PRO C 126 3.26 -43.47 10.37
C PRO C 126 2.61 -42.58 9.30
N TYR C 127 1.40 -42.11 9.60
CA TYR C 127 0.67 -41.24 8.67
C TYR C 127 0.75 -39.79 9.14
N VAL C 128 1.56 -39.54 10.16
CA VAL C 128 1.70 -38.20 10.72
C VAL C 128 3.15 -37.75 10.87
N LYS C 129 3.95 -38.54 11.58
CA LYS C 129 5.35 -38.22 11.84
C LYS C 129 6.21 -37.75 10.66
N PRO C 130 6.15 -38.44 9.50
CA PRO C 130 6.95 -38.03 8.35
C PRO C 130 6.60 -36.62 7.82
N ARG C 131 5.34 -36.24 7.96
CA ARG C 131 4.86 -34.93 7.49
C ARG C 131 5.41 -33.76 8.32
N LEU C 132 5.96 -34.07 9.49
CA LEU C 132 6.53 -33.04 10.37
C LEU C 132 7.86 -32.50 9.85
N THR C 133 8.57 -33.33 9.10
CA THR C 133 9.87 -32.97 8.55
C THR C 133 9.92 -33.24 7.05
N PRO C 134 9.14 -32.48 6.26
CA PRO C 134 9.07 -32.64 4.80
C PRO C 134 10.36 -32.32 4.07
N ARG C 135 10.66 -33.11 3.05
CA ARG C 135 11.87 -32.93 2.25
C ARG C 135 11.50 -32.18 0.98
N VAL C 136 12.22 -31.10 0.71
CA VAL C 136 11.98 -30.30 -0.49
C VAL C 136 12.43 -31.08 -1.73
N PRO C 137 11.53 -31.28 -2.71
CA PRO C 137 11.85 -32.01 -3.94
C PRO C 137 13.00 -31.35 -4.68
N LYS C 138 13.94 -32.15 -5.18
CA LYS C 138 15.11 -31.65 -5.89
C LYS C 138 14.89 -31.54 -7.41
N SER C 139 13.70 -31.11 -7.79
CA SER C 139 13.35 -30.93 -9.19
C SER C 139 12.00 -30.24 -9.28
N GLY C 140 11.54 -30.01 -10.51
CA GLY C 140 10.25 -29.39 -10.71
C GLY C 140 10.10 -27.93 -10.33
N TYR C 141 8.91 -27.59 -9.86
CA TYR C 141 8.55 -26.22 -9.50
C TYR C 141 7.91 -26.12 -8.12
N VAL C 142 7.77 -24.88 -7.65
CA VAL C 142 7.15 -24.59 -6.37
C VAL C 142 6.16 -23.42 -6.53
N CYS C 143 5.10 -23.46 -5.73
CA CYS C 143 4.10 -22.42 -5.70
C CYS C 143 3.94 -22.08 -4.23
N PHE C 144 4.23 -20.83 -3.88
CA PHE C 144 4.09 -20.40 -2.50
C PHE C 144 3.10 -19.26 -2.37
N TYR C 145 2.27 -19.34 -1.34
CA TYR C 145 1.30 -18.30 -1.04
C TYR C 145 0.88 -18.39 0.41
N PRO C 146 0.71 -17.22 1.05
CA PRO C 146 0.29 -17.17 2.45
C PRO C 146 -1.23 -17.02 2.43
N MET C 147 -1.90 -17.35 3.54
CA MET C 147 -3.35 -17.21 3.59
C MET C 147 -3.87 -17.14 5.01
N ASN C 148 -5.08 -16.59 5.15
CA ASN C 148 -5.77 -16.48 6.43
C ASN C 148 -7.12 -17.17 6.26
N LYS C 149 -7.78 -17.46 7.37
CA LYS C 149 -9.14 -18.01 7.35
C LYS C 149 -10.00 -16.79 7.69
N ARG C 150 -10.96 -16.50 6.84
CA ARG C 150 -11.84 -15.33 6.99
C ARG C 150 -12.61 -15.19 8.31
N ARG C 151 -12.70 -13.94 8.76
CA ARG C 151 -13.42 -13.56 9.98
C ARG C 151 -14.18 -12.29 9.61
N GLN C 152 -15.19 -12.43 8.75
CA GLN C 152 -15.98 -11.28 8.30
C GLN C 152 -17.45 -11.60 8.21
N GLY C 153 -18.27 -10.83 8.93
CA GLY C 153 -19.71 -11.03 8.90
C GLY C 153 -20.14 -12.46 9.16
N GLN C 154 -20.93 -13.01 8.24
CA GLN C 154 -21.42 -14.38 8.35
C GLN C 154 -20.39 -15.43 7.98
N ASP C 155 -19.26 -15.01 7.43
CA ASP C 155 -18.18 -15.91 7.05
C ASP C 155 -17.06 -15.82 8.07
N ASN C 156 -17.28 -16.37 9.27
CA ASN C 156 -16.28 -16.33 10.31
C ASN C 156 -15.86 -17.74 10.70
N TRP C 157 -14.72 -18.16 10.17
CA TRP C 157 -14.15 -19.49 10.41
C TRP C 157 -13.91 -19.78 11.89
N TYR C 158 -13.35 -18.80 12.58
CA TYR C 158 -13.02 -18.95 13.99
C TYR C 158 -14.20 -19.03 14.96
N MET C 159 -15.38 -18.65 14.50
CA MET C 159 -16.59 -18.72 15.33
C MET C 159 -17.36 -20.02 15.09
N LEU C 160 -16.99 -20.76 14.03
CA LEU C 160 -17.65 -22.01 13.69
C LEU C 160 -17.39 -23.12 14.70
N PRO C 161 -18.35 -24.05 14.86
CA PRO C 161 -18.17 -25.17 15.78
C PRO C 161 -17.07 -26.04 15.17
N ALA C 162 -16.28 -26.70 16.01
CA ALA C 162 -15.20 -27.57 15.53
C ALA C 162 -15.69 -28.62 14.53
N LYS C 163 -16.89 -29.16 14.79
CA LYS C 163 -17.49 -30.17 13.93
C LYS C 163 -17.72 -29.68 12.51
N GLU C 164 -18.16 -28.44 12.37
CA GLU C 164 -18.40 -27.86 11.05
C GLU C 164 -17.08 -27.64 10.32
N ARG C 165 -16.07 -27.14 11.06
CA ARG C 165 -14.75 -26.92 10.49
C ARG C 165 -14.17 -28.26 10.01
N ALA C 166 -14.44 -29.33 10.74
CA ALA C 166 -13.96 -30.66 10.39
C ALA C 166 -14.58 -31.10 9.06
N SER C 167 -15.88 -30.88 8.92
CA SER C 167 -16.61 -31.22 7.70
C SER C 167 -16.09 -30.43 6.50
N LEU C 168 -15.83 -29.15 6.71
CA LEU C 168 -15.33 -28.29 5.64
C LEU C 168 -13.95 -28.72 5.18
N MET C 169 -13.08 -29.09 6.12
CA MET C 169 -11.72 -29.53 5.81
C MET C 169 -11.71 -30.91 5.14
N LYS C 170 -12.62 -31.77 5.55
CA LYS C 170 -12.71 -33.11 4.97
C LYS C 170 -13.03 -33.00 3.48
N ALA C 171 -13.97 -32.11 3.15
CA ALA C 171 -14.36 -31.89 1.75
C ALA C 171 -13.18 -31.35 0.96
N HIS C 172 -12.40 -30.48 1.59
CA HIS C 172 -11.21 -29.88 0.98
C HIS C 172 -10.20 -30.97 0.65
N GLY C 173 -10.01 -31.90 1.60
CA GLY C 173 -9.08 -33.00 1.40
C GLY C 173 -9.50 -33.95 0.29
N GLU C 174 -10.81 -34.13 0.12
CA GLU C 174 -11.33 -35.01 -0.91
C GLU C 174 -11.17 -34.44 -2.32
N THR C 175 -11.19 -33.11 -2.41
CA THR C 175 -11.00 -32.44 -3.68
C THR C 175 -9.53 -32.57 -4.11
N GLY C 176 -8.64 -32.50 -3.13
CA GLY C 176 -7.22 -32.61 -3.41
C GLY C 176 -6.71 -34.01 -3.66
N ARG C 177 -7.59 -35.00 -3.45
CA ARG C 177 -7.27 -36.41 -3.64
C ARG C 177 -6.73 -36.76 -5.04
N LYS C 178 -7.39 -36.27 -6.08
CA LYS C 178 -6.98 -36.56 -7.45
C LYS C 178 -5.58 -36.01 -7.82
N TYR C 179 -5.07 -35.09 -7.00
CA TYR C 179 -3.76 -34.48 -7.23
C TYR C 179 -2.61 -35.17 -6.49
N GLN C 180 -2.96 -36.23 -5.78
CA GLN C 180 -2.04 -37.04 -4.98
C GLN C 180 -0.63 -37.23 -5.55
N GLY C 181 -0.52 -37.93 -6.67
CA GLY C 181 0.78 -38.19 -7.27
C GLY C 181 1.40 -37.08 -8.11
N GLU C 182 0.70 -35.96 -8.25
CA GLU C 182 1.20 -34.85 -9.05
C GLU C 182 1.62 -33.62 -8.25
N VAL C 183 0.95 -33.39 -7.12
CA VAL C 183 1.24 -32.22 -6.29
C VAL C 183 1.52 -32.56 -4.83
N MET C 184 2.67 -32.13 -4.33
CA MET C 184 3.04 -32.34 -2.93
C MET C 184 2.73 -31.02 -2.23
N GLN C 185 2.15 -31.09 -1.04
CA GLN C 185 1.79 -29.87 -0.31
C GLN C 185 2.37 -29.85 1.11
N VAL C 186 2.89 -28.68 1.50
CA VAL C 186 3.42 -28.48 2.84
C VAL C 186 2.69 -27.26 3.42
N ILE C 187 1.95 -27.48 4.49
CA ILE C 187 1.23 -26.39 5.15
C ILE C 187 2.00 -26.01 6.41
N SER C 188 2.23 -24.72 6.59
CA SER C 188 2.93 -24.23 7.77
C SER C 188 2.12 -23.09 8.38
N GLY C 189 2.14 -23.02 9.71
CA GLY C 189 1.40 -21.97 10.39
C GLY C 189 2.30 -20.82 10.79
N ALA C 190 1.80 -19.59 10.66
CA ALA C 190 2.55 -18.42 11.03
C ALA C 190 1.75 -17.54 11.98
N GLN C 191 0.78 -18.15 12.66
CA GLN C 191 -0.03 -17.44 13.63
C GLN C 191 0.94 -16.96 14.70
N GLY C 192 0.94 -15.65 14.94
CA GLY C 192 1.85 -15.08 15.93
C GLY C 192 3.30 -15.06 15.49
N LEU C 193 3.57 -15.43 14.24
CA LEU C 193 4.93 -15.48 13.71
C LEU C 193 5.19 -14.57 12.51
N ASP C 194 4.16 -14.37 11.69
CA ASP C 194 4.30 -13.51 10.52
C ASP C 194 2.96 -12.84 10.20
N ASP C 195 2.88 -12.17 9.05
CA ASP C 195 1.69 -11.41 8.66
C ASP C 195 0.44 -12.17 8.26
N TRP C 196 0.59 -13.43 7.92
CA TRP C 196 -0.55 -14.27 7.56
C TRP C 196 -0.60 -15.46 8.50
N GLU C 197 -1.75 -16.12 8.58
CA GLU C 197 -1.93 -17.26 9.46
C GLU C 197 -1.25 -18.55 9.00
N TRP C 198 -1.18 -18.76 7.69
CA TRP C 198 -0.54 -19.95 7.15
C TRP C 198 0.29 -19.63 5.91
N GLY C 199 1.25 -20.52 5.66
CA GLY C 199 2.09 -20.42 4.48
C GLY C 199 1.81 -21.73 3.77
N VAL C 200 1.64 -21.70 2.46
CA VAL C 200 1.38 -22.92 1.71
C VAL C 200 2.39 -23.12 0.60
N ASP C 201 3.02 -24.29 0.57
CA ASP C 201 3.98 -24.64 -0.47
C ASP C 201 3.45 -25.82 -1.27
N LEU C 202 3.37 -25.66 -2.58
CA LEU C 202 2.92 -26.72 -3.46
C LEU C 202 4.11 -27.04 -4.35
N PHE C 203 4.42 -28.33 -4.49
CA PHE C 203 5.53 -28.78 -5.32
C PHE C 203 5.01 -29.69 -6.42
N SER C 204 5.43 -29.44 -7.65
CA SER C 204 4.99 -30.25 -8.79
C SER C 204 5.98 -30.13 -9.96
N GLU C 205 5.93 -31.11 -10.86
CA GLU C 205 6.80 -31.11 -12.03
C GLU C 205 6.23 -30.27 -13.17
N ASP C 206 5.00 -29.78 -12.98
CA ASP C 206 4.32 -28.96 -13.97
C ASP C 206 3.56 -27.85 -13.24
N PRO C 207 3.93 -26.58 -13.49
CA PRO C 207 3.26 -25.44 -12.84
C PRO C 207 1.76 -25.35 -13.14
N VAL C 208 1.31 -25.98 -14.22
CA VAL C 208 -0.12 -25.96 -14.55
C VAL C 208 -0.93 -26.69 -13.50
N GLN C 209 -0.31 -27.67 -12.82
CA GLN C 209 -0.99 -28.42 -11.76
C GLN C 209 -1.37 -27.46 -10.62
N PHE C 210 -0.53 -26.44 -10.40
CA PHE C 210 -0.80 -25.43 -9.37
C PHE C 210 -2.09 -24.72 -9.76
N LYS C 211 -2.19 -24.37 -11.04
CA LYS C 211 -3.37 -23.67 -11.56
C LYS C 211 -4.62 -24.53 -11.42
N LYS C 212 -4.51 -25.81 -11.77
CA LYS C 212 -5.64 -26.72 -11.70
C LYS C 212 -6.16 -26.94 -10.28
N ILE C 213 -5.26 -27.26 -9.34
CA ILE C 213 -5.68 -27.52 -7.97
C ILE C 213 -6.18 -26.27 -7.22
N VAL C 214 -5.51 -25.13 -7.42
CA VAL C 214 -5.93 -23.91 -6.73
C VAL C 214 -7.28 -23.41 -7.24
N TYR C 215 -7.50 -23.50 -8.55
CA TYR C 215 -8.77 -23.06 -9.12
C TYR C 215 -9.91 -23.99 -8.69
N GLU C 216 -9.69 -25.30 -8.81
CA GLU C 216 -10.73 -26.25 -8.42
C GLU C 216 -11.10 -26.12 -6.94
N MET C 217 -10.10 -26.05 -6.08
CA MET C 217 -10.35 -25.93 -4.64
C MET C 217 -11.09 -24.67 -4.23
N ARG C 218 -11.01 -23.62 -5.04
CA ARG C 218 -11.70 -22.37 -4.73
C ARG C 218 -13.23 -22.54 -4.73
N PHE C 219 -13.69 -23.64 -5.32
CA PHE C 219 -15.12 -23.92 -5.37
C PHE C 219 -15.58 -24.67 -4.12
N ASP C 220 -14.64 -25.22 -3.35
CA ASP C 220 -14.98 -25.91 -2.10
C ASP C 220 -15.46 -24.82 -1.16
N GLU C 221 -16.48 -25.10 -0.36
CA GLU C 221 -17.02 -24.10 0.55
C GLU C 221 -15.98 -23.49 1.49
N VAL C 222 -15.07 -24.32 2.00
CA VAL C 222 -14.03 -23.84 2.90
C VAL C 222 -13.17 -22.74 2.26
N SER C 223 -12.90 -22.85 0.96
CA SER C 223 -12.11 -21.84 0.26
C SER C 223 -12.97 -20.69 -0.25
N ALA C 224 -14.12 -21.03 -0.83
CA ALA C 224 -15.02 -20.02 -1.38
C ALA C 224 -15.46 -19.01 -0.33
N ARG C 225 -15.88 -19.50 0.84
CA ARG C 225 -16.35 -18.65 1.91
C ARG C 225 -15.30 -18.20 2.93
N TYR C 226 -14.30 -19.04 3.20
CA TYR C 226 -13.31 -18.71 4.22
C TYR C 226 -11.87 -18.47 3.78
N GLY C 227 -11.61 -18.57 2.48
CA GLY C 227 -10.26 -18.37 1.98
C GLY C 227 -9.87 -16.92 1.76
N GLU C 228 -8.76 -16.53 2.36
CA GLU C 228 -8.23 -15.17 2.22
C GLU C 228 -6.78 -15.39 1.76
N PHE C 229 -6.54 -15.13 0.47
CA PHE C 229 -5.21 -15.38 -0.11
C PHE C 229 -4.28 -14.19 -0.32
N GLY C 230 -3.00 -14.42 -0.08
CA GLY C 230 -1.98 -13.40 -0.26
C GLY C 230 -1.37 -13.54 -1.64
N PRO C 231 -0.15 -13.03 -1.84
CA PRO C 231 0.52 -13.12 -3.15
C PRO C 231 0.95 -14.54 -3.51
N PHE C 232 1.01 -14.85 -4.81
CA PHE C 232 1.42 -16.17 -5.26
C PHE C 232 2.76 -16.11 -5.99
N PHE C 233 3.70 -16.93 -5.56
CA PHE C 233 5.03 -16.99 -6.18
C PHE C 233 5.24 -18.35 -6.83
N VAL C 234 5.78 -18.35 -8.05
CA VAL C 234 6.06 -19.58 -8.77
C VAL C 234 7.53 -19.60 -9.14
N GLY C 235 8.22 -20.67 -8.76
CA GLY C 235 9.64 -20.78 -9.07
C GLY C 235 10.05 -22.14 -9.62
N LYS C 236 11.12 -22.16 -10.41
CA LYS C 236 11.64 -23.40 -10.97
C LYS C 236 12.84 -23.81 -10.13
N TYR C 237 12.86 -25.07 -9.70
CA TYR C 237 13.97 -25.57 -8.89
C TYR C 237 15.29 -25.51 -9.64
N LEU C 238 16.31 -24.99 -8.98
CA LEU C 238 17.63 -24.88 -9.57
C LEU C 238 18.65 -25.72 -8.83
N ASP C 239 19.31 -26.63 -9.54
CA ASP C 239 20.37 -27.41 -8.89
C ASP C 239 21.62 -26.54 -9.02
N GLU C 240 22.76 -26.99 -8.49
CA GLU C 240 23.97 -26.18 -8.56
C GLU C 240 24.32 -25.69 -9.97
N GLU C 241 24.21 -26.58 -10.95
CA GLU C 241 24.52 -26.26 -12.33
C GLU C 241 23.57 -25.22 -12.93
N ALA C 242 22.27 -25.38 -12.69
CA ALA C 242 21.26 -24.46 -13.20
C ALA C 242 21.41 -23.06 -12.62
N LEU C 243 21.78 -22.97 -11.35
CA LEU C 243 21.98 -21.68 -10.69
C LEU C 243 23.22 -21.02 -11.29
N ARG C 244 24.24 -21.84 -11.55
CA ARG C 244 25.49 -21.35 -12.13
C ARG C 244 25.21 -20.74 -13.50
N ALA C 245 24.38 -21.42 -14.28
CA ALA C 245 24.01 -20.95 -15.62
C ALA C 245 23.17 -19.67 -15.53
N PHE C 246 22.25 -19.64 -14.55
CA PHE C 246 21.39 -18.47 -14.34
C PHE C 246 22.23 -17.21 -14.08
N LEU C 247 23.32 -17.38 -13.34
CA LEU C 247 24.20 -16.26 -13.00
C LEU C 247 25.26 -15.96 -14.06
N GLY C 248 25.15 -16.61 -15.22
CA GLY C 248 26.10 -16.40 -16.31
C GLY C 248 27.53 -16.85 -16.03
N LEU C 249 27.69 -17.93 -15.27
CA LEU C 249 29.02 -18.43 -14.95
C LEU C 249 29.26 -19.87 -15.44
N ARG D 3 -25.36 -29.64 2.72
CA ARG D 3 -24.01 -30.00 2.22
C ARG D 3 -23.78 -29.40 0.83
N HIS D 4 -22.76 -28.57 0.72
CA HIS D 4 -22.44 -27.92 -0.55
C HIS D 4 -21.69 -28.83 -1.52
N VAL D 5 -22.25 -28.99 -2.72
CA VAL D 5 -21.64 -29.81 -3.75
C VAL D 5 -20.99 -28.87 -4.76
N PRO D 6 -19.65 -28.91 -4.87
CA PRO D 6 -18.96 -28.04 -5.81
C PRO D 6 -19.12 -28.47 -7.27
N GLU D 7 -19.25 -27.48 -8.13
CA GLU D 7 -19.38 -27.69 -9.57
C GLU D 7 -18.34 -26.76 -10.21
N PRO D 8 -17.05 -27.12 -10.08
CA PRO D 8 -15.94 -26.33 -10.63
C PRO D 8 -16.01 -26.09 -12.13
N THR D 9 -15.65 -24.87 -12.53
CA THR D 9 -15.65 -24.49 -13.92
C THR D 9 -14.63 -25.33 -14.68
N HIS D 10 -15.02 -25.82 -15.85
CA HIS D 10 -14.13 -26.62 -16.69
C HIS D 10 -13.22 -25.66 -17.44
N THR D 11 -11.94 -26.00 -17.56
CA THR D 11 -10.99 -25.16 -18.27
C THR D 11 -10.04 -25.92 -19.18
N LEU D 12 -9.57 -25.22 -20.20
CA LEU D 12 -8.59 -25.76 -21.14
C LEU D 12 -7.46 -24.74 -21.10
N GLU D 13 -6.23 -25.22 -20.97
CA GLU D 13 -5.07 -24.34 -20.92
C GLU D 13 -4.31 -24.35 -22.23
N GLY D 14 -3.89 -23.17 -22.67
CA GLY D 14 -3.13 -23.04 -23.90
C GLY D 14 -1.73 -22.54 -23.59
N TRP D 15 -1.27 -21.56 -24.35
CA TRP D 15 0.06 -20.98 -24.16
C TRP D 15 0.18 -20.24 -22.82
N HIS D 16 1.38 -20.30 -22.23
CA HIS D 16 1.64 -19.59 -20.98
C HIS D 16 1.89 -18.13 -21.39
N VAL D 17 1.60 -17.21 -20.49
CA VAL D 17 1.74 -15.78 -20.78
C VAL D 17 2.52 -15.00 -19.74
N LEU D 18 3.35 -14.06 -20.21
CA LEU D 18 4.11 -13.21 -19.32
C LEU D 18 3.98 -11.75 -19.73
N HIS D 19 3.48 -10.92 -18.82
CA HIS D 19 3.38 -9.49 -19.04
C HIS D 19 4.55 -8.94 -18.24
N ASP D 20 5.49 -8.30 -18.92
CA ASP D 20 6.68 -7.73 -18.27
C ASP D 20 6.66 -6.22 -18.48
N PHE D 21 6.21 -5.49 -17.46
CA PHE D 21 6.13 -4.03 -17.50
C PHE D 21 7.36 -3.40 -16.87
N ARG D 22 8.00 -2.49 -17.61
CA ARG D 22 9.17 -1.81 -17.09
C ARG D 22 9.10 -0.30 -17.30
N LEU D 23 9.81 0.42 -16.44
CA LEU D 23 9.91 1.87 -16.50
C LEU D 23 11.27 2.21 -17.07
N LEU D 24 11.32 3.19 -17.95
CA LEU D 24 12.57 3.61 -18.56
C LEU D 24 13.22 4.75 -17.77
N ASP D 25 14.50 4.60 -17.46
CA ASP D 25 15.22 5.66 -16.77
C ASP D 25 15.62 6.61 -17.90
N PHE D 26 14.71 7.53 -18.22
CA PHE D 26 14.92 8.51 -19.30
C PHE D 26 16.19 9.32 -19.13
N ALA D 27 16.39 9.86 -17.94
CA ALA D 27 17.56 10.69 -17.65
C ALA D 27 18.86 9.96 -17.99
N ARG D 28 18.98 8.73 -17.49
CA ARG D 28 20.17 7.92 -17.71
C ARG D 28 20.32 7.46 -19.16
N TRP D 29 19.22 7.09 -19.80
CA TRP D 29 19.28 6.63 -21.19
C TRP D 29 19.67 7.74 -22.16
N PHE D 30 18.96 8.86 -22.11
CA PHE D 30 19.24 9.98 -22.99
C PHE D 30 20.51 10.76 -22.69
N SER D 31 21.07 10.56 -21.49
CA SER D 31 22.31 11.22 -21.09
C SER D 31 23.51 10.33 -21.42
N ALA D 32 23.25 9.05 -21.66
CA ALA D 32 24.29 8.08 -21.99
C ALA D 32 24.93 8.36 -23.36
N PRO D 33 26.20 7.98 -23.53
CA PRO D 33 26.89 8.18 -24.79
C PRO D 33 26.14 7.52 -25.96
N LEU D 34 26.08 8.22 -27.08
CA LEU D 34 25.38 7.76 -28.27
C LEU D 34 25.77 6.34 -28.68
N GLU D 35 27.06 6.02 -28.61
CA GLU D 35 27.54 4.70 -28.98
C GLU D 35 26.97 3.61 -28.07
N ALA D 36 26.91 3.89 -26.77
CA ALA D 36 26.38 2.93 -25.80
C ALA D 36 24.91 2.66 -26.10
N ARG D 37 24.17 3.72 -26.45
CA ARG D 37 22.77 3.60 -26.77
C ARG D 37 22.55 2.74 -28.02
N GLU D 38 23.36 2.98 -29.05
CA GLU D 38 23.29 2.21 -30.29
C GLU D 38 23.60 0.75 -30.05
N ASP D 39 24.64 0.48 -29.24
CA ASP D 39 25.03 -0.90 -28.94
C ASP D 39 23.91 -1.63 -28.21
N ALA D 40 23.25 -0.93 -27.30
CA ALA D 40 22.14 -1.50 -26.54
C ALA D 40 20.97 -1.79 -27.47
N TRP D 41 20.71 -0.85 -28.38
CA TRP D 41 19.62 -0.98 -29.34
C TRP D 41 19.82 -2.19 -30.24
N GLU D 42 21.03 -2.34 -30.79
CA GLU D 42 21.36 -3.45 -31.66
C GLU D 42 21.15 -4.78 -30.96
N GLU D 43 21.57 -4.87 -29.70
CA GLU D 43 21.40 -6.11 -28.93
C GLU D 43 19.91 -6.39 -28.69
N LEU D 44 19.17 -5.34 -28.36
CA LEU D 44 17.73 -5.46 -28.11
C LEU D 44 17.00 -5.98 -29.35
N LYS D 45 17.32 -5.40 -30.52
CA LYS D 45 16.70 -5.81 -31.78
C LYS D 45 16.94 -7.29 -32.00
N GLY D 46 18.17 -7.72 -31.74
CA GLY D 46 18.55 -9.12 -31.90
C GLY D 46 17.71 -10.03 -31.04
N LEU D 47 17.48 -9.64 -29.79
CA LEU D 47 16.67 -10.43 -28.87
C LEU D 47 15.23 -10.50 -29.37
N VAL D 48 14.68 -9.36 -29.79
CA VAL D 48 13.31 -9.31 -30.29
C VAL D 48 13.16 -10.06 -31.61
N ARG D 49 14.21 -10.06 -32.42
CA ARG D 49 14.20 -10.78 -33.69
C ARG D 49 14.01 -12.27 -33.38
N GLU D 50 14.61 -12.73 -32.29
CA GLU D 50 14.50 -14.11 -31.85
C GLU D 50 13.05 -14.45 -31.49
N TRP D 51 12.37 -13.50 -30.85
CA TRP D 51 10.98 -13.67 -30.46
C TRP D 51 10.11 -13.72 -31.72
N ARG D 52 10.44 -12.86 -32.68
CA ARG D 52 9.70 -12.81 -33.94
C ARG D 52 9.90 -14.11 -34.72
N GLU D 53 11.10 -14.66 -34.65
CA GLU D 53 11.40 -15.91 -35.36
C GLU D 53 10.57 -17.07 -34.81
N LEU D 54 10.53 -17.21 -33.49
CA LEU D 54 9.74 -18.29 -32.89
C LEU D 54 8.24 -18.09 -33.14
N GLU D 55 7.81 -16.83 -33.29
CA GLU D 55 6.41 -16.54 -33.58
C GLU D 55 6.08 -17.02 -34.99
N GLU D 56 7.01 -16.79 -35.92
CA GLU D 56 6.82 -17.22 -37.31
C GLU D 56 6.81 -18.75 -37.41
N ALA D 57 7.49 -19.40 -36.47
CA ALA D 57 7.53 -20.86 -36.43
C ALA D 57 6.29 -21.43 -35.75
N GLY D 58 5.48 -20.55 -35.17
CA GLY D 58 4.27 -20.98 -34.48
C GLY D 58 4.54 -21.47 -33.08
N GLN D 59 5.69 -21.12 -32.53
CA GLN D 59 6.08 -21.53 -31.19
C GLN D 59 5.84 -20.45 -30.13
N GLY D 60 4.99 -19.49 -30.46
CA GLY D 60 4.70 -18.43 -29.51
C GLY D 60 4.27 -17.13 -30.19
N SER D 61 4.15 -16.09 -29.38
CA SER D 61 3.75 -14.77 -29.87
C SER D 61 4.33 -13.72 -28.93
N TYR D 62 4.47 -12.49 -29.41
CA TYR D 62 5.01 -11.43 -28.58
C TYR D 62 4.48 -10.07 -28.99
N GLY D 63 4.77 -9.08 -28.16
CA GLY D 63 4.36 -7.71 -28.43
C GLY D 63 5.06 -6.75 -27.49
N ILE D 64 5.50 -5.61 -28.03
CA ILE D 64 6.16 -4.58 -27.22
C ILE D 64 5.31 -3.32 -27.41
N TYR D 65 4.99 -2.67 -26.30
CA TYR D 65 4.14 -1.48 -26.32
C TYR D 65 4.68 -0.34 -25.47
N GLN D 66 4.34 0.88 -25.88
CA GLN D 66 4.71 2.08 -25.14
C GLN D 66 3.47 2.30 -24.26
N VAL D 67 3.66 2.22 -22.95
CA VAL D 67 2.57 2.35 -21.99
C VAL D 67 2.39 3.78 -21.46
N VAL D 68 1.15 4.25 -21.45
CA VAL D 68 0.85 5.60 -20.96
C VAL D 68 0.87 5.65 -19.43
N GLY D 69 1.30 6.80 -18.90
CA GLY D 69 1.30 6.99 -17.45
C GLY D 69 2.52 6.55 -16.67
N HIS D 70 2.42 6.70 -15.34
CA HIS D 70 3.51 6.36 -14.43
C HIS D 70 3.64 4.89 -14.07
N LYS D 71 2.61 4.09 -14.33
CA LYS D 71 2.62 2.67 -13.97
C LYS D 71 3.66 1.84 -14.72
N ALA D 72 3.98 2.25 -15.94
CA ALA D 72 4.97 1.55 -16.77
C ALA D 72 5.21 2.38 -18.02
N ASP D 73 6.30 2.09 -18.72
CA ASP D 73 6.66 2.78 -19.95
C ASP D 73 6.70 1.81 -21.12
N LEU D 74 7.10 0.57 -20.82
CA LEU D 74 7.19 -0.46 -21.84
C LEU D 74 6.64 -1.79 -21.35
N LEU D 75 5.85 -2.43 -22.20
CA LEU D 75 5.29 -3.74 -21.88
C LEU D 75 5.90 -4.73 -22.87
N PHE D 76 6.53 -5.76 -22.33
CA PHE D 76 7.10 -6.82 -23.16
C PHE D 76 6.18 -8.00 -22.88
N LEU D 77 5.31 -8.27 -23.84
CA LEU D 77 4.34 -9.35 -23.74
C LEU D 77 4.82 -10.56 -24.53
N ASN D 78 4.87 -11.71 -23.87
CA ASN D 78 5.32 -12.94 -24.50
C ASN D 78 4.42 -14.12 -24.14
N LEU D 79 4.14 -14.95 -25.14
CA LEU D 79 3.34 -16.16 -24.96
C LEU D 79 4.18 -17.32 -25.46
N ARG D 80 4.29 -18.37 -24.66
CA ARG D 80 5.10 -19.55 -25.01
C ARG D 80 4.39 -20.82 -24.53
N PRO D 81 4.79 -21.99 -25.05
CA PRO D 81 4.19 -23.28 -24.69
C PRO D 81 4.36 -23.70 -23.21
N GLY D 82 5.22 -22.99 -22.49
CA GLY D 82 5.44 -23.32 -21.09
C GLY D 82 6.10 -22.20 -20.31
N LEU D 83 6.39 -22.44 -19.03
CA LEU D 83 7.02 -21.43 -18.18
C LEU D 83 8.49 -21.24 -18.47
N ASP D 84 9.20 -22.34 -18.73
CA ASP D 84 10.64 -22.28 -18.99
C ASP D 84 11.04 -21.30 -20.10
N PRO D 85 10.38 -21.35 -21.27
CA PRO D 85 10.77 -20.39 -22.31
C PRO D 85 10.45 -18.95 -21.92
N LEU D 86 9.46 -18.77 -21.04
CA LEU D 86 9.11 -17.43 -20.56
C LEU D 86 10.19 -16.94 -19.61
N LEU D 87 10.67 -17.83 -18.74
CA LEU D 87 11.74 -17.50 -17.79
C LEU D 87 13.00 -17.12 -18.58
N GLU D 88 13.19 -17.78 -19.72
CA GLU D 88 14.35 -17.52 -20.57
C GLU D 88 14.25 -16.14 -21.23
N ALA D 89 13.10 -15.83 -21.81
CA ALA D 89 12.88 -14.53 -22.46
C ALA D 89 12.99 -13.41 -21.44
N GLU D 90 12.51 -13.67 -20.24
CA GLU D 90 12.54 -12.71 -19.15
C GLU D 90 13.97 -12.47 -18.66
N ALA D 91 14.73 -13.55 -18.53
CA ALA D 91 16.12 -13.47 -18.08
C ALA D 91 17.01 -12.83 -19.13
N ARG D 92 16.79 -13.17 -20.39
CA ARG D 92 17.56 -12.61 -21.51
C ARG D 92 17.39 -11.09 -21.58
N LEU D 93 16.15 -10.63 -21.43
CA LEU D 93 15.88 -9.20 -21.46
C LEU D 93 16.54 -8.52 -20.27
N SER D 94 16.42 -9.12 -19.09
CA SER D 94 17.03 -8.56 -17.89
C SER D 94 18.55 -8.48 -17.97
N ARG D 95 19.16 -9.39 -18.74
CA ARG D 95 20.60 -9.42 -18.92
C ARG D 95 21.10 -8.41 -19.96
N SER D 96 20.20 -7.95 -20.82
CA SER D 96 20.55 -7.01 -21.89
C SER D 96 21.08 -5.68 -21.37
N ALA D 97 21.95 -5.06 -22.16
CA ALA D 97 22.53 -3.77 -21.79
C ALA D 97 21.41 -2.74 -21.66
N PHE D 98 20.37 -2.87 -22.47
CA PHE D 98 19.23 -1.96 -22.44
C PHE D 98 18.51 -1.99 -21.07
N ALA D 99 18.42 -3.18 -20.48
CA ALA D 99 17.77 -3.36 -19.19
C ALA D 99 18.46 -2.60 -18.06
N ARG D 100 19.70 -2.18 -18.28
CA ARG D 100 20.45 -1.41 -17.28
C ARG D 100 19.75 -0.07 -17.09
N TYR D 101 18.95 0.31 -18.09
CA TYR D 101 18.21 1.56 -18.07
C TYR D 101 16.73 1.34 -17.76
N LEU D 102 16.38 0.12 -17.35
CA LEU D 102 14.99 -0.21 -17.03
C LEU D 102 14.82 -0.63 -15.57
N GLY D 103 13.59 -0.46 -15.08
CA GLY D 103 13.24 -0.85 -13.74
C GLY D 103 11.91 -1.57 -13.84
N ARG D 104 11.81 -2.76 -13.26
CA ARG D 104 10.57 -3.53 -13.31
C ARG D 104 9.51 -2.87 -12.42
N SER D 105 8.37 -2.53 -13.00
CA SER D 105 7.30 -1.89 -12.24
C SER D 105 6.11 -2.81 -11.95
N TYR D 106 5.86 -3.75 -12.84
CA TYR D 106 4.75 -4.69 -12.68
C TYR D 106 4.95 -5.89 -13.61
N SER D 107 4.25 -6.98 -13.32
CA SER D 107 4.34 -8.19 -14.14
C SER D 107 3.16 -9.07 -13.84
N PHE D 108 2.98 -10.09 -14.68
CA PHE D 108 1.88 -11.03 -14.49
C PHE D 108 2.18 -12.32 -15.24
N TYR D 109 2.09 -13.44 -14.52
CA TYR D 109 2.32 -14.75 -15.11
C TYR D 109 0.99 -15.48 -15.11
N SER D 110 0.54 -15.89 -16.29
CA SER D 110 -0.74 -16.58 -16.43
C SER D 110 -0.71 -17.57 -17.58
N VAL D 111 -1.83 -18.26 -17.79
CA VAL D 111 -1.95 -19.25 -18.86
C VAL D 111 -3.27 -19.07 -19.60
N VAL D 112 -3.20 -18.99 -20.94
CA VAL D 112 -4.40 -18.83 -21.76
C VAL D 112 -5.42 -19.87 -21.31
N GLU D 113 -6.60 -19.39 -20.94
CA GLU D 113 -7.65 -20.26 -20.43
C GLU D 113 -8.97 -20.09 -21.15
N LEU D 114 -9.56 -21.22 -21.52
CA LEU D 114 -10.87 -21.24 -22.18
C LEU D 114 -11.76 -21.96 -21.18
N GLY D 115 -12.74 -21.25 -20.62
CA GLY D 115 -13.61 -21.84 -19.64
C GLY D 115 -15.02 -22.14 -20.10
N SER D 116 -15.70 -22.98 -19.31
CA SER D 116 -17.07 -23.39 -19.56
C SER D 116 -17.66 -23.80 -18.22
N GLN D 117 -18.74 -23.15 -17.83
CA GLN D 117 -19.37 -23.42 -16.54
C GLN D 117 -20.06 -24.77 -16.38
N GLU D 118 -20.63 -25.30 -17.47
CA GLU D 118 -21.32 -26.58 -17.40
C GLU D 118 -20.70 -27.68 -18.27
N LYS D 119 -20.88 -27.56 -19.58
CA LYS D 119 -20.35 -28.54 -20.53
C LYS D 119 -18.86 -28.36 -20.81
N PRO D 120 -18.08 -29.44 -20.67
CA PRO D 120 -16.62 -29.40 -20.92
C PRO D 120 -16.36 -29.08 -22.39
N LEU D 121 -15.23 -28.44 -22.67
CA LEU D 121 -14.88 -28.09 -24.05
C LEU D 121 -13.98 -29.11 -24.72
N ASP D 122 -14.13 -29.24 -26.04
CA ASP D 122 -13.33 -30.18 -26.83
C ASP D 122 -12.10 -29.42 -27.33
N PRO D 123 -10.90 -29.80 -26.84
CA PRO D 123 -9.64 -29.16 -27.24
C PRO D 123 -9.30 -29.30 -28.72
N GLU D 124 -9.93 -30.24 -29.40
CA GLU D 124 -9.69 -30.45 -30.82
C GLU D 124 -10.70 -29.78 -31.74
N SER D 125 -11.73 -29.19 -31.14
CA SER D 125 -12.76 -28.49 -31.91
C SER D 125 -12.17 -27.28 -32.62
N PRO D 126 -12.49 -27.09 -33.91
CA PRO D 126 -11.99 -25.96 -34.69
C PRO D 126 -12.50 -24.61 -34.17
N TYR D 127 -13.50 -24.65 -33.30
CA TYR D 127 -14.07 -23.43 -32.74
C TYR D 127 -13.43 -23.13 -31.39
N VAL D 128 -12.60 -24.06 -30.91
CA VAL D 128 -11.93 -23.94 -29.62
C VAL D 128 -10.41 -23.94 -29.71
N LYS D 129 -9.85 -24.94 -30.39
CA LYS D 129 -8.41 -25.13 -30.53
C LYS D 129 -7.56 -23.89 -30.86
N PRO D 130 -7.93 -23.13 -31.90
CA PRO D 130 -7.14 -21.93 -32.26
C PRO D 130 -7.03 -20.88 -31.15
N ARG D 131 -8.00 -20.85 -30.24
CA ARG D 131 -8.02 -19.89 -29.13
C ARG D 131 -6.98 -20.21 -28.05
N LEU D 132 -6.44 -21.43 -28.12
CA LEU D 132 -5.43 -21.90 -27.17
C LEU D 132 -4.08 -21.22 -27.41
N THR D 133 -3.84 -20.81 -28.65
CA THR D 133 -2.58 -20.18 -29.03
C THR D 133 -2.81 -18.88 -29.80
N PRO D 134 -3.31 -17.84 -29.10
CA PRO D 134 -3.58 -16.55 -29.75
C PRO D 134 -2.36 -15.77 -30.21
N ARG D 135 -2.48 -15.14 -31.37
CA ARG D 135 -1.42 -14.34 -31.93
C ARG D 135 -1.66 -12.86 -31.63
N VAL D 136 -0.65 -12.22 -31.05
CA VAL D 136 -0.72 -10.80 -30.68
C VAL D 136 -0.73 -9.94 -31.96
N PRO D 137 -1.76 -9.08 -32.12
CA PRO D 137 -1.87 -8.20 -33.28
C PRO D 137 -0.63 -7.32 -33.41
N LYS D 138 -0.09 -7.23 -34.62
CA LYS D 138 1.10 -6.43 -34.89
C LYS D 138 0.75 -4.97 -35.22
N SER D 139 -0.18 -4.41 -34.45
CA SER D 139 -0.60 -3.02 -34.65
C SER D 139 -1.59 -2.64 -33.56
N GLY D 140 -2.04 -1.39 -33.61
CA GLY D 140 -3.02 -0.91 -32.66
C GLY D 140 -2.57 -0.70 -31.23
N TYR D 141 -3.47 -1.04 -30.30
CA TYR D 141 -3.25 -0.86 -28.87
C TYR D 141 -3.65 -2.08 -28.05
N VAL D 142 -3.23 -2.07 -26.78
CA VAL D 142 -3.56 -3.14 -25.86
C VAL D 142 -4.03 -2.55 -24.54
N CYS D 143 -4.93 -3.29 -23.88
CA CYS D 143 -5.46 -2.92 -22.58
C CYS D 143 -5.29 -4.16 -21.73
N PHE D 144 -4.50 -4.05 -20.67
CA PHE D 144 -4.32 -5.19 -19.78
C PHE D 144 -4.78 -4.88 -18.37
N TYR D 145 -5.44 -5.86 -17.76
CA TYR D 145 -5.89 -5.74 -16.39
C TYR D 145 -6.16 -7.11 -15.79
N PRO D 146 -5.73 -7.29 -14.54
CA PRO D 146 -5.97 -8.58 -13.87
C PRO D 146 -7.30 -8.44 -13.14
N MET D 147 -7.90 -9.56 -12.76
CA MET D 147 -9.17 -9.50 -12.04
C MET D 147 -9.48 -10.79 -11.28
N ASN D 148 -10.38 -10.67 -10.30
CA ASN D 148 -10.83 -11.80 -9.50
C ASN D 148 -12.35 -11.84 -9.64
N LYS D 149 -12.93 -12.95 -9.21
CA LYS D 149 -14.38 -13.10 -9.17
C LYS D 149 -14.66 -12.95 -7.67
N ARG D 150 -15.50 -11.98 -7.35
CA ARG D 150 -15.85 -11.64 -5.97
C ARG D 150 -16.39 -12.76 -5.09
N ARG D 151 -15.92 -12.77 -3.84
CA ARG D 151 -16.33 -13.74 -2.82
C ARG D 151 -16.59 -12.94 -1.55
N GLN D 152 -17.59 -12.07 -1.59
CA GLN D 152 -17.90 -11.23 -0.42
C GLN D 152 -19.40 -11.25 -0.12
N GLY D 153 -19.74 -11.58 1.12
CA GLY D 153 -21.13 -11.63 1.55
C GLY D 153 -22.06 -12.38 0.63
N GLN D 154 -23.10 -11.68 0.16
CA GLN D 154 -24.09 -12.25 -0.74
C GLN D 154 -23.60 -12.33 -2.19
N ASP D 155 -22.46 -11.71 -2.48
CA ASP D 155 -21.88 -11.72 -3.81
C ASP D 155 -20.69 -12.67 -3.86
N ASN D 156 -20.96 -13.97 -3.78
CA ASN D 156 -19.89 -14.96 -3.82
C ASN D 156 -20.03 -15.83 -5.06
N TRP D 157 -19.21 -15.52 -6.05
CA TRP D 157 -19.20 -16.23 -7.32
C TRP D 157 -18.94 -17.72 -7.18
N TYR D 158 -17.96 -18.07 -6.35
CA TYR D 158 -17.58 -19.46 -6.16
C TYR D 158 -18.56 -20.36 -5.41
N MET D 159 -19.58 -19.76 -4.78
CA MET D 159 -20.58 -20.52 -4.06
C MET D 159 -21.82 -20.76 -4.92
N LEU D 160 -21.91 -20.02 -6.03
CA LEU D 160 -23.05 -20.15 -6.95
C LEU D 160 -23.08 -21.50 -7.67
N PRO D 161 -24.28 -21.95 -8.05
CA PRO D 161 -24.40 -23.22 -8.77
C PRO D 161 -23.90 -22.96 -10.19
N ALA D 162 -23.38 -23.98 -10.87
CA ALA D 162 -22.87 -23.81 -12.22
C ALA D 162 -23.87 -23.21 -13.22
N LYS D 163 -25.15 -23.55 -13.08
CA LYS D 163 -26.16 -23.02 -13.98
C LYS D 163 -26.32 -21.50 -13.88
N GLU D 164 -26.15 -20.95 -12.67
CA GLU D 164 -26.23 -19.52 -12.47
C GLU D 164 -25.04 -18.86 -13.13
N ARG D 165 -23.86 -19.42 -12.88
CA ARG D 165 -22.62 -18.91 -13.46
C ARG D 165 -22.69 -18.96 -14.98
N ALA D 166 -23.33 -20.01 -15.50
CA ALA D 166 -23.47 -20.17 -16.95
C ALA D 166 -24.35 -19.05 -17.52
N SER D 167 -25.49 -18.79 -16.86
CA SER D 167 -26.40 -17.74 -17.31
C SER D 167 -25.73 -16.37 -17.20
N LEU D 168 -24.94 -16.18 -16.15
CA LEU D 168 -24.25 -14.91 -15.94
C LEU D 168 -23.19 -14.68 -17.03
N MET D 169 -22.45 -15.73 -17.38
CA MET D 169 -21.42 -15.63 -18.41
C MET D 169 -22.02 -15.48 -19.81
N LYS D 170 -23.18 -16.08 -20.03
CA LYS D 170 -23.87 -16.01 -21.32
C LYS D 170 -24.22 -14.55 -21.63
N ALA D 171 -24.80 -13.86 -20.64
CA ALA D 171 -25.18 -12.47 -20.78
C ALA D 171 -23.95 -11.60 -21.08
N HIS D 172 -22.83 -11.93 -20.45
CA HIS D 172 -21.57 -11.22 -20.64
C HIS D 172 -21.14 -11.35 -22.11
N GLY D 173 -21.23 -12.56 -22.63
CA GLY D 173 -20.86 -12.82 -24.01
C GLY D 173 -21.73 -12.07 -25.00
N GLU D 174 -23.03 -12.00 -24.71
CA GLU D 174 -23.97 -11.30 -25.57
C GLU D 174 -23.67 -9.79 -25.65
N THR D 175 -23.21 -9.23 -24.54
CA THR D 175 -22.86 -7.80 -24.51
C THR D 175 -21.61 -7.55 -25.33
N GLY D 176 -20.70 -8.53 -25.32
CA GLY D 176 -19.45 -8.41 -26.06
C GLY D 176 -19.50 -8.70 -27.56
N ARG D 177 -20.49 -9.45 -28.02
CA ARG D 177 -20.58 -9.77 -29.45
C ARG D 177 -20.64 -8.52 -30.32
N LYS D 178 -21.15 -7.44 -29.74
CA LYS D 178 -21.29 -6.14 -30.40
C LYS D 178 -19.91 -5.59 -30.80
N TYR D 179 -18.88 -5.97 -30.05
CA TYR D 179 -17.52 -5.51 -30.28
C TYR D 179 -16.60 -6.47 -31.03
N GLN D 180 -17.12 -7.61 -31.44
CA GLN D 180 -16.32 -8.64 -32.13
C GLN D 180 -15.37 -8.18 -33.24
N GLY D 181 -15.83 -7.30 -34.11
CA GLY D 181 -14.98 -6.83 -35.19
C GLY D 181 -13.99 -5.73 -34.82
N GLU D 182 -14.14 -5.16 -33.63
CA GLU D 182 -13.27 -4.06 -33.18
C GLU D 182 -12.33 -4.42 -32.02
N VAL D 183 -12.73 -5.35 -31.17
CA VAL D 183 -11.89 -5.75 -30.03
C VAL D 183 -11.65 -7.25 -29.94
N MET D 184 -10.37 -7.61 -29.79
CA MET D 184 -9.96 -9.01 -29.65
C MET D 184 -9.55 -9.21 -28.19
N GLN D 185 -10.00 -10.29 -27.56
CA GLN D 185 -9.63 -10.53 -26.17
C GLN D 185 -8.98 -11.87 -25.90
N VAL D 186 -8.05 -11.87 -24.95
CA VAL D 186 -7.36 -13.07 -24.54
C VAL D 186 -7.51 -13.18 -23.03
N ILE D 187 -8.17 -14.24 -22.58
CA ILE D 187 -8.35 -14.46 -21.16
C ILE D 187 -7.34 -15.50 -20.71
N SER D 188 -6.60 -15.17 -19.65
CA SER D 188 -5.63 -16.10 -19.11
C SER D 188 -5.89 -16.25 -17.62
N GLY D 189 -5.67 -17.46 -17.10
CA GLY D 189 -5.90 -17.70 -15.69
C GLY D 189 -4.58 -17.71 -14.93
N ALA D 190 -4.58 -17.10 -13.75
CA ALA D 190 -3.37 -17.06 -12.93
C ALA D 190 -3.65 -17.63 -11.54
N GLN D 191 -4.67 -18.47 -11.45
CA GLN D 191 -5.02 -19.11 -10.18
C GLN D 191 -3.83 -19.97 -9.80
N GLY D 192 -3.28 -19.73 -8.62
CA GLY D 192 -2.12 -20.48 -8.16
C GLY D 192 -0.83 -20.10 -8.87
N LEU D 193 -0.88 -19.07 -9.72
CA LEU D 193 0.28 -18.63 -10.48
C LEU D 193 0.69 -17.19 -10.21
N ASP D 194 -0.28 -16.33 -9.88
CA ASP D 194 0.01 -14.93 -9.59
C ASP D 194 -1.01 -14.36 -8.60
N ASP D 195 -0.95 -13.05 -8.37
CA ASP D 195 -1.81 -12.38 -7.38
C ASP D 195 -3.30 -12.23 -7.68
N TRP D 196 -3.68 -12.40 -8.93
CA TRP D 196 -5.09 -12.30 -9.31
C TRP D 196 -5.48 -13.60 -10.00
N GLU D 197 -6.79 -13.86 -10.06
CA GLU D 197 -7.29 -15.09 -10.69
C GLU D 197 -7.21 -15.11 -12.21
N TRP D 198 -7.38 -13.95 -12.84
CA TRP D 198 -7.31 -13.87 -14.29
C TRP D 198 -6.55 -12.66 -14.79
N GLY D 199 -6.04 -12.80 -16.00
CA GLY D 199 -5.35 -11.72 -16.68
C GLY D 199 -6.20 -11.51 -17.92
N VAL D 200 -6.47 -10.25 -18.26
CA VAL D 200 -7.28 -9.95 -19.43
C VAL D 200 -6.57 -8.99 -20.37
N ASP D 201 -6.43 -9.40 -21.62
CA ASP D 201 -5.80 -8.57 -22.64
C ASP D 201 -6.84 -8.23 -23.69
N LEU D 202 -7.02 -6.95 -23.96
CA LEU D 202 -7.94 -6.47 -24.98
C LEU D 202 -7.08 -5.81 -26.05
N PHE D 203 -7.33 -6.13 -27.31
CA PHE D 203 -6.56 -5.55 -28.41
C PHE D 203 -7.51 -4.81 -29.34
N SER D 204 -7.12 -3.61 -29.77
CA SER D 204 -7.95 -2.81 -30.66
C SER D 204 -7.15 -1.73 -31.35
N GLU D 205 -7.65 -1.27 -32.50
CA GLU D 205 -6.99 -0.22 -33.25
C GLU D 205 -7.31 1.18 -32.69
N ASP D 206 -8.25 1.23 -31.76
CA ASP D 206 -8.64 2.48 -31.13
C ASP D 206 -8.83 2.22 -29.63
N PRO D 207 -8.06 2.92 -28.77
CA PRO D 207 -8.16 2.73 -27.32
C PRO D 207 -9.53 3.07 -26.73
N VAL D 208 -10.27 3.95 -27.41
CA VAL D 208 -11.62 4.34 -26.96
C VAL D 208 -12.54 3.11 -26.91
N GLN D 209 -12.24 2.11 -27.74
CA GLN D 209 -13.04 0.88 -27.78
C GLN D 209 -12.93 0.16 -26.43
N PHE D 210 -11.75 0.25 -25.80
CA PHE D 210 -11.52 -0.38 -24.50
C PHE D 210 -12.47 0.28 -23.50
N LYS D 211 -12.55 1.61 -23.55
CA LYS D 211 -13.41 2.36 -22.65
C LYS D 211 -14.88 1.98 -22.86
N LYS D 212 -15.29 1.89 -24.12
CA LYS D 212 -16.67 1.54 -24.45
C LYS D 212 -17.08 0.17 -23.94
N ILE D 213 -16.29 -0.85 -24.25
CA ILE D 213 -16.61 -2.22 -23.84
C ILE D 213 -16.52 -2.45 -22.33
N VAL D 214 -15.46 -1.96 -21.69
CA VAL D 214 -15.31 -2.14 -20.24
C VAL D 214 -16.44 -1.47 -19.46
N TYR D 215 -16.81 -0.25 -19.87
CA TYR D 215 -17.89 0.47 -19.19
C TYR D 215 -19.24 -0.22 -19.38
N GLU D 216 -19.58 -0.57 -20.62
CA GLU D 216 -20.86 -1.23 -20.89
C GLU D 216 -20.97 -2.56 -20.15
N MET D 217 -19.90 -3.35 -20.17
CA MET D 217 -19.92 -4.66 -19.50
C MET D 217 -20.10 -4.55 -17.99
N ARG D 218 -19.74 -3.41 -17.41
CA ARG D 218 -19.87 -3.24 -15.97
C ARG D 218 -21.33 -3.21 -15.51
N PHE D 219 -22.25 -3.05 -16.46
CA PHE D 219 -23.67 -3.05 -16.16
C PHE D 219 -24.24 -4.47 -16.23
N ASP D 220 -23.46 -5.41 -16.76
CA ASP D 220 -23.91 -6.81 -16.80
C ASP D 220 -23.82 -7.27 -15.35
N GLU D 221 -24.76 -8.12 -14.92
CA GLU D 221 -24.75 -8.59 -13.55
C GLU D 221 -23.46 -9.31 -13.15
N VAL D 222 -22.87 -10.06 -14.07
CA VAL D 222 -21.65 -10.78 -13.76
C VAL D 222 -20.53 -9.81 -13.34
N SER D 223 -20.45 -8.67 -14.00
CA SER D 223 -19.42 -7.67 -13.70
C SER D 223 -19.83 -6.78 -12.53
N ALA D 224 -21.06 -6.29 -12.56
CA ALA D 224 -21.58 -5.41 -11.51
C ALA D 224 -21.50 -6.01 -10.11
N ARG D 225 -21.87 -7.28 -9.97
CA ARG D 225 -21.85 -7.95 -8.67
C ARG D 225 -20.62 -8.78 -8.35
N TYR D 226 -19.97 -9.34 -9.37
CA TYR D 226 -18.84 -10.21 -9.12
C TYR D 226 -17.48 -9.75 -9.66
N GLY D 227 -17.43 -8.59 -10.30
CA GLY D 227 -16.17 -8.09 -10.83
C GLY D 227 -15.29 -7.42 -9.79
N GLU D 228 -14.04 -7.86 -9.71
CA GLU D 228 -13.06 -7.30 -8.79
C GLU D 228 -11.84 -7.03 -9.68
N PHE D 229 -11.66 -5.78 -10.04
CA PHE D 229 -10.62 -5.37 -10.97
C PHE D 229 -9.34 -4.78 -10.39
N GLY D 230 -8.23 -5.13 -11.01
CA GLY D 230 -6.94 -4.60 -10.60
C GLY D 230 -6.61 -3.39 -11.44
N PRO D 231 -5.33 -3.02 -11.54
CA PRO D 231 -4.92 -1.85 -12.34
C PRO D 231 -5.13 -2.06 -13.83
N PHE D 232 -5.34 -0.97 -14.57
CA PHE D 232 -5.53 -1.04 -16.01
C PHE D 232 -4.35 -0.37 -16.72
N PHE D 233 -3.73 -1.10 -17.64
CA PHE D 233 -2.59 -0.61 -18.41
C PHE D 233 -2.98 -0.49 -19.89
N VAL D 234 -2.62 0.63 -20.50
CA VAL D 234 -2.91 0.85 -21.92
C VAL D 234 -1.62 1.18 -22.65
N GLY D 235 -1.35 0.45 -23.73
CA GLY D 235 -0.14 0.70 -24.50
C GLY D 235 -0.36 0.71 -25.99
N LYS D 236 0.54 1.40 -26.70
CA LYS D 236 0.48 1.47 -28.16
C LYS D 236 1.49 0.49 -28.70
N TYR D 237 1.05 -0.38 -29.61
CA TYR D 237 1.95 -1.36 -30.20
C TYR D 237 3.10 -0.65 -30.90
N LEU D 238 4.31 -1.15 -30.67
CA LEU D 238 5.50 -0.57 -31.27
C LEU D 238 6.19 -1.55 -32.20
N ASP D 239 6.31 -1.19 -33.48
CA ASP D 239 7.05 -2.07 -34.38
C ASP D 239 8.53 -1.69 -34.18
N GLU D 240 9.44 -2.35 -34.89
CA GLU D 240 10.86 -2.08 -34.72
C GLU D 240 11.23 -0.61 -34.88
N GLU D 241 10.70 0.03 -35.93
CA GLU D 241 10.99 1.42 -36.20
C GLU D 241 10.41 2.36 -35.14
N ALA D 242 9.23 2.03 -34.63
CA ALA D 242 8.59 2.85 -33.60
C ALA D 242 9.32 2.79 -32.27
N LEU D 243 9.82 1.60 -31.90
CA LEU D 243 10.55 1.45 -30.65
C LEU D 243 11.87 2.20 -30.75
N ARG D 244 12.47 2.16 -31.93
CA ARG D 244 13.74 2.85 -32.18
C ARG D 244 13.52 4.34 -31.98
N ALA D 245 12.40 4.84 -32.51
CA ALA D 245 12.05 6.25 -32.39
C ALA D 245 11.79 6.63 -30.94
N PHE D 246 11.10 5.76 -30.21
CA PHE D 246 10.80 5.99 -28.80
C PHE D 246 12.10 6.13 -27.99
N LEU D 247 13.13 5.39 -28.40
CA LEU D 247 14.42 5.44 -27.71
C LEU D 247 15.32 6.57 -28.24
N GLY D 248 14.75 7.40 -29.11
CA GLY D 248 15.47 8.52 -29.67
C GLY D 248 16.59 8.19 -30.64
N LEU D 249 16.52 7.02 -31.26
CA LEU D 249 17.54 6.62 -32.21
C LEU D 249 17.02 6.60 -33.65
N ARG E 3 -32.28 -12.66 -17.02
CA ARG E 3 -32.84 -12.18 -15.73
C ARG E 3 -32.68 -10.67 -15.60
N HIS E 4 -31.46 -10.22 -15.31
CA HIS E 4 -31.18 -8.80 -15.16
C HIS E 4 -30.96 -8.14 -16.52
N VAL E 5 -31.75 -7.12 -16.82
CA VAL E 5 -31.62 -6.41 -18.08
C VAL E 5 -30.81 -5.14 -17.87
N PRO E 6 -29.58 -5.12 -18.41
CA PRO E 6 -28.73 -3.94 -18.26
C PRO E 6 -29.24 -2.76 -19.08
N GLU E 7 -29.06 -1.58 -18.52
CA GLU E 7 -29.46 -0.34 -19.16
C GLU E 7 -28.24 0.55 -18.99
N PRO E 8 -27.14 0.22 -19.72
CA PRO E 8 -25.89 0.97 -19.66
C PRO E 8 -26.03 2.45 -19.95
N THR E 9 -25.28 3.24 -19.20
CA THR E 9 -25.28 4.69 -19.35
C THR E 9 -24.77 5.06 -20.73
N HIS E 10 -25.44 6.01 -21.36
CA HIS E 10 -25.04 6.50 -22.68
C HIS E 10 -23.91 7.50 -22.48
N THR E 11 -22.92 7.47 -23.37
CA THR E 11 -21.79 8.40 -23.26
C THR E 11 -21.32 8.92 -24.60
N LEU E 12 -20.70 10.09 -24.56
CA LEU E 12 -20.09 10.73 -25.71
C LEU E 12 -18.67 11.00 -25.25
N GLU E 13 -17.69 10.67 -26.09
CA GLU E 13 -16.29 10.89 -25.78
C GLU E 13 -15.74 12.10 -26.53
N GLY E 14 -14.95 12.91 -25.83
CA GLY E 14 -14.34 14.07 -26.44
C GLY E 14 -12.83 13.90 -26.43
N TRP E 15 -12.11 14.97 -26.09
CA TRP E 15 -10.65 14.92 -26.05
C TRP E 15 -10.13 13.97 -24.99
N HIS E 16 -8.99 13.34 -25.29
CA HIS E 16 -8.34 12.44 -24.36
C HIS E 16 -7.59 13.34 -23.37
N VAL E 17 -7.43 12.86 -22.14
CA VAL E 17 -6.80 13.64 -21.09
C VAL E 17 -5.66 12.91 -20.38
N LEU E 18 -4.57 13.63 -20.11
CA LEU E 18 -3.44 13.07 -19.38
C LEU E 18 -3.01 13.99 -18.24
N HIS E 19 -3.07 13.46 -17.02
CA HIS E 19 -2.61 14.19 -15.85
C HIS E 19 -1.23 13.60 -15.57
N ASP E 20 -0.21 14.45 -15.61
CA ASP E 20 1.16 14.00 -15.38
C ASP E 20 1.72 14.76 -14.17
N PHE E 21 1.70 14.10 -13.01
CA PHE E 21 2.17 14.67 -11.76
C PHE E 21 3.63 14.30 -11.50
N ARG E 22 4.44 15.30 -11.18
CA ARG E 22 5.86 15.09 -10.90
C ARG E 22 6.30 15.80 -9.64
N LEU E 23 7.34 15.26 -9.02
CA LEU E 23 7.92 15.83 -7.82
C LEU E 23 9.27 16.42 -8.23
N LEU E 24 9.56 17.63 -7.77
CA LEU E 24 10.82 18.28 -8.10
C LEU E 24 11.91 17.95 -7.08
N ASP E 25 13.08 17.59 -7.57
CA ASP E 25 14.21 17.31 -6.70
C ASP E 25 14.80 18.71 -6.44
N PHE E 26 14.25 19.39 -5.44
CA PHE E 26 14.67 20.74 -5.07
C PHE E 26 16.17 20.84 -4.83
N ALA E 27 16.70 19.93 -4.01
CA ALA E 27 18.12 19.93 -3.67
C ALA E 27 19.02 19.91 -4.92
N ARG E 28 18.76 18.98 -5.83
CA ARG E 28 19.54 18.87 -7.06
C ARG E 28 19.34 20.04 -8.02
N TRP E 29 18.10 20.50 -8.15
CA TRP E 29 17.81 21.60 -9.06
C TRP E 29 18.44 22.93 -8.63
N PHE E 30 18.18 23.34 -7.41
CA PHE E 30 18.71 24.61 -6.91
C PHE E 30 20.21 24.64 -6.63
N SER E 31 20.86 23.47 -6.65
CA SER E 31 22.30 23.40 -6.42
C SER E 31 23.06 23.15 -7.74
N ALA E 32 22.31 22.94 -8.82
CA ALA E 32 22.89 22.68 -10.14
C ALA E 32 23.49 23.97 -10.71
N PRO E 33 24.52 23.86 -11.56
CA PRO E 33 25.13 25.06 -12.15
C PRO E 33 24.10 25.86 -12.94
N LEU E 34 24.21 27.18 -12.87
CA LEU E 34 23.28 28.09 -13.55
C LEU E 34 23.06 27.76 -15.03
N GLU E 35 24.14 27.48 -15.75
CA GLU E 35 24.01 27.16 -17.18
C GLU E 35 23.13 25.94 -17.42
N ALA E 36 23.32 24.90 -16.61
CA ALA E 36 22.53 23.68 -16.73
C ALA E 36 21.05 24.00 -16.49
N ARG E 37 20.78 24.86 -15.51
CA ARG E 37 19.42 25.27 -15.17
C ARG E 37 18.81 26.08 -16.31
N GLU E 38 19.56 27.06 -16.82
CA GLU E 38 19.07 27.88 -17.91
C GLU E 38 18.83 27.05 -19.17
N ASP E 39 19.74 26.13 -19.47
CA ASP E 39 19.59 25.26 -20.64
C ASP E 39 18.33 24.40 -20.50
N ALA E 40 18.11 23.82 -19.32
CA ALA E 40 16.95 22.99 -19.06
C ALA E 40 15.67 23.79 -19.19
N TRP E 41 15.70 25.03 -18.70
CA TRP E 41 14.56 25.93 -18.75
C TRP E 41 14.22 26.32 -20.19
N GLU E 42 15.23 26.58 -21.00
CA GLU E 42 15.03 26.96 -22.39
C GLU E 42 14.33 25.84 -23.15
N GLU E 43 14.78 24.61 -22.91
CA GLU E 43 14.20 23.44 -23.56
C GLU E 43 12.76 23.24 -23.09
N LEU E 44 12.54 23.36 -21.78
CA LEU E 44 11.21 23.18 -21.21
C LEU E 44 10.22 24.19 -21.77
N LYS E 45 10.63 25.47 -21.84
CA LYS E 45 9.77 26.52 -22.39
C LYS E 45 9.34 26.18 -23.81
N GLY E 46 10.28 25.69 -24.60
CA GLY E 46 10.02 25.33 -25.99
C GLY E 46 8.99 24.24 -26.12
N LEU E 47 9.09 23.22 -25.26
CA LEU E 47 8.14 22.11 -25.27
C LEU E 47 6.74 22.62 -24.93
N VAL E 48 6.63 23.42 -23.87
CA VAL E 48 5.35 23.96 -23.44
C VAL E 48 4.79 24.91 -24.49
N ARG E 49 5.67 25.66 -25.14
CA ARG E 49 5.29 26.60 -26.20
C ARG E 49 4.58 25.82 -27.32
N GLU E 50 5.08 24.62 -27.61
CA GLU E 50 4.47 23.76 -28.63
C GLU E 50 3.03 23.41 -28.23
N TRP E 51 2.84 23.08 -26.96
CA TRP E 51 1.51 22.74 -26.43
C TRP E 51 0.60 23.97 -26.50
N ARG E 52 1.17 25.14 -26.19
CA ARG E 52 0.41 26.39 -26.22
C ARG E 52 -0.04 26.74 -27.64
N GLU E 53 0.83 26.49 -28.61
CA GLU E 53 0.52 26.76 -30.01
C GLU E 53 -0.60 25.86 -30.50
N LEU E 54 -0.61 24.61 -30.02
CA LEU E 54 -1.65 23.65 -30.39
C LEU E 54 -2.98 24.11 -29.80
N GLU E 55 -2.94 24.64 -28.58
CA GLU E 55 -4.15 25.13 -27.92
C GLU E 55 -4.69 26.33 -28.70
N GLU E 56 -3.80 27.26 -29.06
CA GLU E 56 -4.18 28.44 -29.81
C GLU E 56 -4.84 28.05 -31.14
N ALA E 57 -4.44 26.89 -31.67
CA ALA E 57 -4.99 26.37 -32.91
C ALA E 57 -6.31 25.62 -32.67
N GLY E 58 -6.70 25.52 -31.41
CA GLY E 58 -7.93 24.84 -31.05
C GLY E 58 -7.82 23.33 -31.19
N GLN E 59 -6.58 22.83 -31.23
CA GLN E 59 -6.33 21.40 -31.39
C GLN E 59 -5.98 20.67 -30.11
N GLY E 60 -6.18 21.33 -28.98
CA GLY E 60 -5.89 20.72 -27.70
C GLY E 60 -5.90 21.76 -26.60
N SER E 61 -5.54 21.35 -25.38
CA SER E 61 -5.49 22.28 -24.27
C SER E 61 -4.45 21.77 -23.29
N TYR E 62 -3.90 22.68 -22.49
CA TYR E 62 -2.87 22.30 -21.51
C TYR E 62 -2.90 23.20 -20.29
N GLY E 63 -2.12 22.82 -19.28
CA GLY E 63 -2.02 23.59 -18.07
C GLY E 63 -0.92 23.03 -17.19
N ILE E 64 -0.16 23.92 -16.57
CA ILE E 64 0.92 23.52 -15.66
C ILE E 64 0.59 24.17 -14.32
N TYR E 65 0.64 23.35 -13.26
CA TYR E 65 0.29 23.83 -11.93
C TYR E 65 1.31 23.50 -10.84
N GLN E 66 1.37 24.36 -9.83
CA GLN E 66 2.24 24.15 -8.68
C GLN E 66 1.31 23.46 -7.68
N VAL E 67 1.60 22.19 -7.37
CA VAL E 67 0.77 21.39 -6.47
C VAL E 67 1.24 21.42 -5.02
N VAL E 68 0.29 21.61 -4.11
CA VAL E 68 0.62 21.65 -2.68
C VAL E 68 0.80 20.25 -2.09
N GLY E 69 1.72 20.14 -1.14
CA GLY E 69 1.93 18.86 -0.48
C GLY E 69 2.96 17.92 -1.05
N HIS E 70 3.10 16.77 -0.39
CA HIS E 70 4.07 15.76 -0.78
C HIS E 70 3.66 14.85 -1.95
N LYS E 71 2.38 14.89 -2.33
CA LYS E 71 1.89 14.03 -3.41
C LYS E 71 2.42 14.35 -4.79
N ALA E 72 2.72 15.63 -5.03
CA ALA E 72 3.25 16.09 -6.31
C ALA E 72 3.62 17.55 -6.15
N ASP E 73 4.48 18.05 -7.03
CA ASP E 73 4.91 19.44 -7.00
C ASP E 73 4.44 20.16 -8.26
N LEU E 74 4.45 19.44 -9.38
CA LEU E 74 4.03 20.01 -10.64
C LEU E 74 3.08 19.11 -11.41
N LEU E 75 1.97 19.68 -11.87
CA LEU E 75 1.01 18.94 -12.66
C LEU E 75 1.08 19.45 -14.09
N PHE E 76 1.33 18.54 -15.02
CA PHE E 76 1.38 18.86 -16.43
C PHE E 76 0.11 18.24 -17.01
N LEU E 77 -0.89 19.06 -17.26
CA LEU E 77 -2.17 18.62 -17.79
C LEU E 77 -2.26 18.85 -19.30
N ASN E 78 -2.63 17.82 -20.03
CA ASN E 78 -2.76 17.93 -21.49
C ASN E 78 -4.00 17.23 -22.01
N LEU E 79 -4.64 17.86 -22.99
CA LEU E 79 -5.85 17.32 -23.62
C LEU E 79 -5.58 17.32 -25.13
N ARG E 80 -5.89 16.19 -25.77
CA ARG E 80 -5.66 16.02 -27.21
C ARG E 80 -6.78 15.16 -27.82
N PRO E 81 -6.88 15.15 -29.15
CA PRO E 81 -7.91 14.35 -29.84
C PRO E 81 -7.69 12.84 -29.70
N GLY E 82 -6.52 12.45 -29.19
CA GLY E 82 -6.24 11.03 -29.04
C GLY E 82 -5.09 10.76 -28.08
N LEU E 83 -4.81 9.47 -27.88
CA LEU E 83 -3.73 9.04 -26.97
C LEU E 83 -2.31 9.28 -27.48
N ASP E 84 -2.10 9.11 -28.78
CA ASP E 84 -0.75 9.28 -29.34
C ASP E 84 -0.04 10.59 -28.96
N PRO E 85 -0.72 11.74 -29.13
CA PRO E 85 -0.04 12.99 -28.74
C PRO E 85 0.16 13.12 -27.21
N LEU E 86 -0.59 12.33 -26.44
CA LEU E 86 -0.43 12.37 -24.97
C LEU E 86 0.81 11.55 -24.62
N LEU E 87 0.99 10.42 -25.31
CA LEU E 87 2.16 9.57 -25.10
C LEU E 87 3.38 10.43 -25.39
N GLU E 88 3.29 11.25 -26.44
CA GLU E 88 4.39 12.14 -26.80
C GLU E 88 4.64 13.18 -25.71
N ALA E 89 3.57 13.82 -25.25
CA ALA E 89 3.68 14.84 -24.20
C ALA E 89 4.45 14.36 -22.98
N GLU E 90 4.14 13.17 -22.49
CA GLU E 90 4.82 12.62 -21.31
C GLU E 90 6.23 12.10 -21.61
N ALA E 91 6.41 11.48 -22.78
CA ALA E 91 7.72 10.95 -23.17
C ALA E 91 8.71 12.09 -23.41
N ARG E 92 8.24 13.17 -24.02
CA ARG E 92 9.11 14.30 -24.28
C ARG E 92 9.48 15.05 -23.02
N LEU E 93 8.54 15.15 -22.08
CA LEU E 93 8.82 15.81 -20.81
C LEU E 93 9.86 14.95 -20.09
N SER E 94 9.67 13.64 -20.11
CA SER E 94 10.60 12.72 -19.46
C SER E 94 12.00 12.74 -20.08
N ARG E 95 12.08 12.98 -21.39
CA ARG E 95 13.36 13.02 -22.05
C ARG E 95 14.07 14.38 -21.91
N SER E 96 13.32 15.40 -21.48
CA SER E 96 13.88 16.74 -21.31
C SER E 96 14.93 16.76 -20.19
N ALA E 97 15.87 17.71 -20.28
CA ALA E 97 16.91 17.86 -19.28
C ALA E 97 16.28 18.21 -17.93
N PHE E 98 15.18 18.96 -17.96
CA PHE E 98 14.51 19.35 -16.73
C PHE E 98 14.04 18.13 -15.94
N ALA E 99 13.61 17.09 -16.65
CA ALA E 99 13.12 15.86 -16.03
C ALA E 99 14.21 15.10 -15.28
N ARG E 100 15.47 15.48 -15.48
CA ARG E 100 16.57 14.85 -14.76
C ARG E 100 16.41 15.23 -13.29
N TYR E 101 15.62 16.28 -13.04
CA TYR E 101 15.37 16.78 -11.71
C TYR E 101 13.93 16.52 -11.27
N LEU E 102 13.25 15.61 -11.97
CA LEU E 102 11.87 15.27 -11.66
C LEU E 102 11.67 13.78 -11.40
N GLY E 103 10.65 13.49 -10.62
CA GLY E 103 10.27 12.12 -10.30
C GLY E 103 8.78 12.02 -10.52
N ARG E 104 8.34 11.02 -11.29
CA ARG E 104 6.92 10.82 -11.56
C ARG E 104 6.26 10.25 -10.31
N SER E 105 5.30 10.98 -9.75
CA SER E 105 4.62 10.53 -8.54
C SER E 105 3.22 9.95 -8.76
N TYR E 106 2.53 10.46 -9.78
CA TYR E 106 1.17 9.99 -10.09
C TYR E 106 0.81 10.43 -11.50
N SER E 107 -0.25 9.82 -12.04
CA SER E 107 -0.71 10.14 -13.37
C SER E 107 -2.11 9.57 -13.57
N PHE E 108 -2.75 9.98 -14.66
CA PHE E 108 -4.08 9.50 -14.96
C PHE E 108 -4.37 9.72 -16.44
N TYR E 109 -4.85 8.67 -17.10
CA TYR E 109 -5.21 8.74 -18.50
C TYR E 109 -6.72 8.52 -18.59
N SER E 110 -7.42 9.47 -19.21
CA SER E 110 -8.86 9.38 -19.34
C SER E 110 -9.33 10.09 -20.61
N VAL E 111 -10.64 10.06 -20.85
CA VAL E 111 -11.24 10.69 -22.01
C VAL E 111 -12.46 11.49 -21.58
N VAL E 112 -12.52 12.76 -21.97
CA VAL E 112 -13.65 13.63 -21.64
C VAL E 112 -14.93 12.87 -21.97
N GLU E 113 -15.81 12.77 -20.97
CA GLU E 113 -17.04 12.02 -21.10
C GLU E 113 -18.29 12.79 -20.69
N LEU E 114 -19.29 12.77 -21.56
CA LEU E 114 -20.57 13.41 -21.31
C LEU E 114 -21.56 12.27 -21.23
N GLY E 115 -22.12 12.04 -20.05
CA GLY E 115 -23.05 10.93 -19.88
C GLY E 115 -24.52 11.26 -19.72
N SER E 116 -25.34 10.28 -20.04
CA SER E 116 -26.79 10.40 -19.93
C SER E 116 -27.34 9.03 -19.55
N GLN E 117 -28.06 8.98 -18.44
CA GLN E 117 -28.61 7.73 -17.93
C GLN E 117 -29.73 7.12 -18.77
N GLU E 118 -30.57 7.95 -19.38
CA GLU E 118 -31.68 7.44 -20.17
C GLU E 118 -31.66 7.85 -21.64
N LYS E 119 -31.85 9.13 -21.92
CA LYS E 119 -31.86 9.60 -23.31
C LYS E 119 -30.47 9.93 -23.87
N PRO E 120 -30.13 9.38 -25.04
CA PRO E 120 -28.82 9.64 -25.65
C PRO E 120 -28.63 11.13 -25.93
N LEU E 121 -27.40 11.61 -25.79
CA LEU E 121 -27.10 13.02 -26.04
C LEU E 121 -26.78 13.25 -27.51
N ASP E 122 -27.09 14.45 -27.99
CA ASP E 122 -26.82 14.82 -29.38
C ASP E 122 -25.45 15.48 -29.47
N PRO E 123 -24.47 14.80 -30.09
CA PRO E 123 -23.10 15.31 -30.23
C PRO E 123 -22.99 16.62 -31.03
N GLU E 124 -24.00 16.92 -31.84
CA GLU E 124 -23.98 18.15 -32.64
C GLU E 124 -24.74 19.31 -32.00
N SER E 125 -25.35 19.05 -30.84
CA SER E 125 -26.10 20.08 -30.12
C SER E 125 -25.17 21.16 -29.57
N PRO E 126 -25.55 22.45 -29.75
CA PRO E 126 -24.79 23.61 -29.29
C PRO E 126 -24.57 23.63 -27.78
N TYR E 127 -25.44 22.91 -27.06
CA TYR E 127 -25.34 22.84 -25.60
C TYR E 127 -24.55 21.62 -25.14
N VAL E 128 -24.13 20.80 -26.09
CA VAL E 128 -23.40 19.58 -25.80
C VAL E 128 -21.98 19.55 -26.38
N LYS E 129 -21.88 19.73 -27.70
CA LYS E 129 -20.62 19.69 -28.43
C LYS E 129 -19.41 20.42 -27.82
N PRO E 130 -19.59 21.66 -27.36
CA PRO E 130 -18.47 22.42 -26.76
C PRO E 130 -17.83 21.73 -25.55
N ARG E 131 -18.61 20.99 -24.79
CA ARG E 131 -18.11 20.29 -23.60
C ARG E 131 -17.20 19.12 -23.95
N LEU E 132 -17.18 18.74 -25.22
CA LEU E 132 -16.35 17.65 -25.72
C LEU E 132 -14.87 18.06 -25.78
N THR E 133 -14.64 19.36 -25.96
CA THR E 133 -13.28 19.89 -26.07
C THR E 133 -13.07 21.09 -25.14
N PRO E 134 -13.09 20.85 -23.82
CA PRO E 134 -12.91 21.93 -22.86
C PRO E 134 -11.52 22.57 -22.85
N ARG E 135 -11.49 23.88 -22.67
CA ARG E 135 -10.23 24.61 -22.60
C ARG E 135 -9.87 24.87 -21.14
N VAL E 136 -8.67 24.47 -20.76
CA VAL E 136 -8.16 24.65 -19.41
C VAL E 136 -7.99 26.14 -19.11
N PRO E 137 -8.58 26.64 -18.01
CA PRO E 137 -8.47 28.05 -17.62
C PRO E 137 -7.02 28.48 -17.43
N LYS E 138 -6.68 29.63 -17.99
CA LYS E 138 -5.33 30.17 -17.91
C LYS E 138 -5.06 30.98 -16.64
N SER E 139 -5.71 30.58 -15.55
CA SER E 139 -5.56 31.27 -14.27
C SER E 139 -6.23 30.44 -13.19
N GLY E 140 -6.17 30.94 -11.96
CA GLY E 140 -6.81 30.23 -10.86
C GLY E 140 -6.14 28.97 -10.38
N TYR E 141 -6.98 28.03 -9.95
CA TYR E 141 -6.51 26.76 -9.38
C TYR E 141 -7.25 25.56 -9.97
N VAL E 142 -6.73 24.38 -9.68
CA VAL E 142 -7.33 23.14 -10.14
C VAL E 142 -7.42 22.15 -8.99
N CYS E 143 -8.46 21.32 -9.04
CA CYS E 143 -8.66 20.26 -8.06
C CYS E 143 -8.88 19.00 -8.89
N PHE E 144 -7.98 18.03 -8.75
CA PHE E 144 -8.13 16.77 -9.46
C PHE E 144 -8.29 15.59 -8.52
N TYR E 145 -9.24 14.72 -8.84
CA TYR E 145 -9.46 13.52 -8.06
C TYR E 145 -10.15 12.45 -8.90
N PRO E 146 -9.70 11.20 -8.77
CA PRO E 146 -10.30 10.09 -9.52
C PRO E 146 -11.40 9.47 -8.66
N MET E 147 -12.35 8.78 -9.29
CA MET E 147 -13.42 8.16 -8.52
C MET E 147 -14.10 7.00 -9.22
N ASN E 148 -14.76 6.17 -8.42
CA ASN E 148 -15.51 5.01 -8.91
C ASN E 148 -16.94 5.16 -8.41
N LYS E 149 -17.81 4.32 -8.96
CA LYS E 149 -19.19 4.25 -8.55
C LYS E 149 -19.25 2.94 -7.79
N ARG E 150 -19.66 3.01 -6.53
CA ARG E 150 -19.70 1.85 -5.65
C ARG E 150 -20.51 0.64 -6.12
N ARG E 151 -19.96 -0.55 -5.85
CA ARG E 151 -20.58 -1.82 -6.19
C ARG E 151 -20.39 -2.72 -4.96
N GLN E 152 -21.01 -2.32 -3.84
CA GLN E 152 -20.88 -3.06 -2.59
C GLN E 152 -22.23 -3.25 -1.90
N GLY E 153 -22.52 -4.50 -1.57
CA GLY E 153 -23.77 -4.84 -0.90
C GLY E 153 -25.00 -4.19 -1.50
N GLN E 154 -25.70 -3.43 -0.67
CA GLN E 154 -26.92 -2.73 -1.06
C GLN E 154 -26.67 -1.44 -1.85
N ASP E 155 -25.42 -0.99 -1.88
CA ASP E 155 -25.05 0.21 -2.60
C ASP E 155 -24.34 -0.17 -3.90
N ASN E 156 -25.09 -0.70 -4.86
CA ASN E 156 -24.50 -1.10 -6.13
C ASN E 156 -25.09 -0.27 -7.26
N TRP E 157 -24.35 0.76 -7.65
CA TRP E 157 -24.75 1.67 -8.71
C TRP E 157 -25.05 0.98 -10.03
N TYR E 158 -24.16 0.09 -10.45
CA TYR E 158 -24.31 -0.61 -11.71
C TYR E 158 -25.48 -1.59 -11.81
N MET E 159 -26.08 -1.93 -10.67
CA MET E 159 -27.23 -2.81 -10.66
C MET E 159 -28.54 -2.03 -10.66
N LEU E 160 -28.44 -0.72 -10.44
CA LEU E 160 -29.62 0.14 -10.39
C LEU E 160 -30.28 0.35 -11.75
N PRO E 161 -31.61 0.54 -11.76
CA PRO E 161 -32.33 0.76 -13.02
C PRO E 161 -31.91 2.15 -13.50
N ALA E 162 -31.90 2.36 -14.80
CA ALA E 162 -31.50 3.64 -15.37
C ALA E 162 -32.30 4.83 -14.84
N LYS E 163 -33.60 4.62 -14.61
CA LYS E 163 -34.46 5.69 -14.09
C LYS E 163 -33.98 6.20 -12.73
N GLU E 164 -33.53 5.28 -11.87
CA GLU E 164 -33.05 5.66 -10.55
C GLU E 164 -31.72 6.40 -10.67
N ARG E 165 -30.85 5.92 -11.56
CA ARG E 165 -29.57 6.57 -11.76
C ARG E 165 -29.79 7.99 -12.31
N ALA E 166 -30.80 8.14 -13.15
CA ALA E 166 -31.13 9.43 -13.74
C ALA E 166 -31.60 10.39 -12.65
N SER E 167 -32.39 9.88 -11.72
CA SER E 167 -32.91 10.67 -10.61
C SER E 167 -31.77 11.11 -9.68
N LEU E 168 -30.88 10.18 -9.35
CA LEU E 168 -29.73 10.47 -8.49
C LEU E 168 -28.80 11.51 -9.11
N MET E 169 -28.58 11.42 -10.42
CA MET E 169 -27.71 12.35 -11.13
C MET E 169 -28.32 13.74 -11.27
N LYS E 170 -29.65 13.79 -11.46
CA LYS E 170 -30.37 15.05 -11.59
C LYS E 170 -30.25 15.86 -10.30
N ALA E 171 -30.38 15.17 -9.16
CA ALA E 171 -30.27 15.81 -7.86
C ALA E 171 -28.85 16.37 -7.69
N HIS E 172 -27.88 15.60 -8.16
CA HIS E 172 -26.47 15.99 -8.11
C HIS E 172 -26.27 17.27 -8.93
N GLY E 173 -26.93 17.32 -10.08
CA GLY E 173 -26.83 18.48 -10.94
C GLY E 173 -27.42 19.74 -10.30
N GLU E 174 -28.54 19.59 -9.60
CA GLU E 174 -29.19 20.71 -8.92
C GLU E 174 -28.32 21.31 -7.83
N THR E 175 -27.58 20.44 -7.12
CA THR E 175 -26.72 20.89 -6.04
C THR E 175 -25.56 21.74 -6.57
N GLY E 176 -24.99 21.31 -7.69
CA GLY E 176 -23.87 22.05 -8.27
C GLY E 176 -24.24 23.31 -9.03
N ARG E 177 -25.52 23.50 -9.29
CA ARG E 177 -26.01 24.66 -10.04
C ARG E 177 -25.61 26.02 -9.46
N LYS E 178 -25.58 26.13 -8.13
CA LYS E 178 -25.20 27.40 -7.51
C LYS E 178 -23.70 27.68 -7.59
N TYR E 179 -22.93 26.69 -8.07
CA TYR E 179 -21.49 26.83 -8.22
C TYR E 179 -21.11 27.15 -9.66
N GLN E 180 -22.11 27.20 -10.54
CA GLN E 180 -21.94 27.47 -11.96
C GLN E 180 -20.96 28.59 -12.31
N GLY E 181 -21.14 29.75 -11.68
CA GLY E 181 -20.29 30.88 -11.96
C GLY E 181 -18.89 30.86 -11.35
N GLU E 182 -18.65 29.99 -10.38
CA GLU E 182 -17.35 29.94 -9.72
C GLU E 182 -16.54 28.67 -9.90
N VAL E 183 -17.18 27.59 -10.34
CA VAL E 183 -16.48 26.33 -10.55
C VAL E 183 -16.75 25.70 -11.90
N MET E 184 -15.69 25.42 -12.64
CA MET E 184 -15.81 24.77 -13.94
C MET E 184 -15.46 23.31 -13.69
N GLN E 185 -16.22 22.40 -14.28
CA GLN E 185 -16.00 20.98 -14.08
C GLN E 185 -15.78 20.23 -15.38
N VAL E 186 -14.82 19.30 -15.37
CA VAL E 186 -14.55 18.47 -16.54
C VAL E 186 -14.53 17.03 -16.04
N ILE E 187 -15.48 16.25 -16.53
CA ILE E 187 -15.58 14.85 -16.17
C ILE E 187 -15.00 14.02 -17.30
N SER E 188 -14.09 13.12 -16.96
CA SER E 188 -13.46 12.25 -17.95
C SER E 188 -13.57 10.81 -17.48
N GLY E 189 -13.80 9.90 -18.41
CA GLY E 189 -13.92 8.49 -18.07
C GLY E 189 -12.64 7.73 -18.33
N ALA E 190 -12.30 6.83 -17.40
CA ALA E 190 -11.10 6.02 -17.55
C ALA E 190 -11.41 4.54 -17.40
N GLN E 191 -12.67 4.17 -17.61
CA GLN E 191 -13.05 2.76 -17.53
C GLN E 191 -12.29 2.02 -18.63
N GLY E 192 -11.51 1.02 -18.23
CA GLY E 192 -10.71 0.26 -19.18
C GLY E 192 -9.45 1.00 -19.61
N LEU E 193 -9.22 2.18 -19.05
CA LEU E 193 -8.06 3.00 -19.41
C LEU E 193 -7.08 3.23 -18.26
N ASP E 194 -7.59 3.28 -17.04
CA ASP E 194 -6.75 3.51 -15.87
C ASP E 194 -7.38 2.85 -14.64
N ASP E 195 -6.77 3.08 -13.48
CA ASP E 195 -7.20 2.47 -12.22
C ASP E 195 -8.53 2.87 -11.60
N TRP E 196 -9.10 3.97 -12.06
CA TRP E 196 -10.39 4.43 -11.55
C TRP E 196 -11.33 4.63 -12.73
N GLU E 197 -12.63 4.63 -12.46
CA GLU E 197 -13.64 4.79 -13.50
C GLU E 197 -13.74 6.19 -14.09
N TRP E 198 -13.53 7.21 -13.25
CA TRP E 198 -13.58 8.60 -13.71
C TRP E 198 -12.48 9.47 -13.14
N GLY E 199 -12.21 10.55 -13.87
CA GLY E 199 -11.25 11.55 -13.46
C GLY E 199 -12.10 12.80 -13.37
N VAL E 200 -11.91 13.59 -12.33
CA VAL E 200 -12.67 14.82 -12.18
C VAL E 200 -11.74 16.01 -11.99
N ASP E 201 -11.92 17.02 -12.84
CA ASP E 201 -11.13 18.25 -12.77
C ASP E 201 -12.06 19.39 -12.41
N LEU E 202 -11.73 20.12 -11.34
CA LEU E 202 -12.52 21.27 -10.94
C LEU E 202 -11.60 22.49 -11.08
N PHE E 203 -12.11 23.56 -11.67
CA PHE E 203 -11.32 24.77 -11.86
C PHE E 203 -12.04 25.93 -11.18
N SER E 204 -11.28 26.75 -10.47
CA SER E 204 -11.86 27.89 -9.77
C SER E 204 -10.78 28.89 -9.40
N GLU E 205 -11.19 30.15 -9.23
CA GLU E 205 -10.26 31.20 -8.86
C GLU E 205 -9.97 31.18 -7.36
N ASP E 206 -10.70 30.34 -6.63
CA ASP E 206 -10.53 30.21 -5.18
C ASP E 206 -10.64 28.73 -4.78
N PRO E 207 -9.56 28.14 -4.24
CA PRO E 207 -9.57 26.73 -3.82
C PRO E 207 -10.61 26.38 -2.75
N VAL E 208 -11.09 27.37 -2.00
CA VAL E 208 -12.11 27.10 -0.98
C VAL E 208 -13.42 26.67 -1.66
N GLN E 209 -13.59 27.05 -2.92
CA GLN E 209 -14.79 26.65 -3.67
C GLN E 209 -14.77 25.13 -3.86
N PHE E 210 -13.58 24.55 -4.00
CA PHE E 210 -13.45 23.10 -4.16
C PHE E 210 -13.99 22.42 -2.89
N LYS E 211 -13.57 22.93 -1.74
CA LYS E 211 -13.99 22.41 -0.44
C LYS E 211 -15.51 22.53 -0.27
N LYS E 212 -16.05 23.69 -0.65
CA LYS E 212 -17.49 23.91 -0.52
C LYS E 212 -18.32 22.97 -1.37
N ILE E 213 -17.99 22.86 -2.67
CA ILE E 213 -18.78 22.00 -3.55
C ILE E 213 -18.63 20.51 -3.24
N VAL E 214 -17.40 20.04 -3.04
CA VAL E 214 -17.17 18.64 -2.75
C VAL E 214 -17.85 18.20 -1.44
N TYR E 215 -17.75 19.03 -0.40
CA TYR E 215 -18.38 18.69 0.88
C TYR E 215 -19.91 18.68 0.75
N GLU E 216 -20.48 19.74 0.18
CA GLU E 216 -21.94 19.80 0.02
C GLU E 216 -22.48 18.65 -0.82
N MET E 217 -21.81 18.33 -1.91
CA MET E 217 -22.26 17.24 -2.78
C MET E 217 -22.20 15.87 -2.10
N ARG E 218 -21.36 15.72 -1.09
CA ARG E 218 -21.25 14.43 -0.40
C ARG E 218 -22.55 14.05 0.33
N PHE E 219 -23.44 15.03 0.50
CA PHE E 219 -24.73 14.79 1.16
C PHE E 219 -25.79 14.37 0.14
N ASP E 220 -25.49 14.47 -1.15
CA ASP E 220 -26.43 14.04 -2.19
C ASP E 220 -26.38 12.52 -2.13
N GLU E 221 -27.53 11.87 -2.27
CA GLU E 221 -27.56 10.41 -2.19
C GLU E 221 -26.59 9.74 -3.15
N VAL E 222 -26.47 10.29 -4.36
CA VAL E 222 -25.56 9.73 -5.35
C VAL E 222 -24.12 9.62 -4.81
N SER E 223 -23.68 10.65 -4.07
CA SER E 223 -22.34 10.66 -3.50
C SER E 223 -22.25 9.90 -2.18
N ALA E 224 -23.19 10.19 -1.28
CA ALA E 224 -23.22 9.54 0.04
C ALA E 224 -23.22 8.02 -0.04
N ARG E 225 -24.04 7.46 -0.95
CA ARG E 225 -24.14 6.02 -1.10
C ARG E 225 -23.29 5.38 -2.19
N TYR E 226 -22.99 6.11 -3.26
CA TYR E 226 -22.24 5.53 -4.36
C TYR E 226 -20.89 6.12 -4.72
N GLY E 227 -20.45 7.13 -3.96
CA GLY E 227 -19.17 7.74 -4.24
C GLY E 227 -17.99 7.03 -3.60
N GLU E 228 -17.00 6.71 -4.43
CA GLU E 228 -15.77 6.05 -3.99
C GLU E 228 -14.66 6.94 -4.52
N PHE E 229 -14.01 7.67 -3.61
CA PHE E 229 -13.00 8.66 -3.98
C PHE E 229 -11.52 8.32 -3.80
N GLY E 230 -10.71 8.77 -4.76
CA GLY E 230 -9.28 8.55 -4.69
C GLY E 230 -8.59 9.76 -4.08
N PRO E 231 -7.29 9.95 -4.36
CA PRO E 231 -6.55 11.09 -3.81
C PRO E 231 -7.01 12.42 -4.43
N PHE E 232 -6.85 13.51 -3.67
CA PHE E 232 -7.22 14.85 -4.15
C PHE E 232 -5.97 15.69 -4.28
N PHE E 233 -5.80 16.31 -5.44
CA PHE E 233 -4.63 17.16 -5.72
C PHE E 233 -5.12 18.58 -5.98
N VAL E 234 -4.49 19.57 -5.34
CA VAL E 234 -4.84 20.96 -5.53
C VAL E 234 -3.61 21.72 -6.06
N GLY E 235 -3.78 22.42 -7.17
CA GLY E 235 -2.65 23.15 -7.73
C GLY E 235 -2.99 24.56 -8.18
N LYS E 236 -1.99 25.44 -8.19
CA LYS E 236 -2.18 26.82 -8.64
C LYS E 236 -1.64 26.90 -10.07
N TYR E 237 -2.45 27.45 -10.98
CA TYR E 237 -2.04 27.59 -12.37
C TYR E 237 -0.81 28.47 -12.48
N LEU E 238 0.15 28.04 -13.28
CA LEU E 238 1.39 28.78 -13.48
C LEU E 238 1.57 29.21 -14.93
N ASP E 239 1.63 30.52 -15.19
CA ASP E 239 1.90 30.95 -16.55
C ASP E 239 3.41 30.83 -16.71
N GLU E 240 3.94 31.16 -17.87
CA GLU E 240 5.38 31.03 -18.08
C GLU E 240 6.25 31.74 -17.05
N GLU E 241 5.92 32.99 -16.74
CA GLU E 241 6.70 33.75 -15.76
C GLU E 241 6.60 33.17 -14.35
N ALA E 242 5.45 32.62 -13.99
CA ALA E 242 5.26 32.04 -12.66
C ALA E 242 6.08 30.76 -12.49
N LEU E 243 6.21 29.98 -13.57
CA LEU E 243 6.99 28.74 -13.53
C LEU E 243 8.47 29.10 -13.45
N ARG E 244 8.87 30.16 -14.17
CA ARG E 244 10.25 30.63 -14.16
C ARG E 244 10.65 31.02 -12.75
N ALA E 245 9.77 31.77 -12.07
CA ALA E 245 10.02 32.21 -10.70
C ALA E 245 10.04 31.02 -9.75
N PHE E 246 9.14 30.06 -9.96
CA PHE E 246 9.08 28.86 -9.11
C PHE E 246 10.40 28.12 -9.20
N LEU E 247 11.01 28.11 -10.38
CA LEU E 247 12.27 27.44 -10.59
C LEU E 247 13.49 28.29 -10.22
N GLY E 248 13.23 29.47 -9.65
CA GLY E 248 14.29 30.37 -9.24
C GLY E 248 15.10 31.02 -10.35
N LEU E 249 14.50 31.15 -11.54
CA LEU E 249 15.19 31.75 -12.67
C LEU E 249 14.59 33.09 -13.10
#